data_1INL
#
_entry.id   1INL
#
_cell.length_a   132.436
_cell.length_b   197.812
_cell.length_c   51.627
_cell.angle_alpha   90.00
_cell.angle_beta   90.00
_cell.angle_gamma   90.00
#
_symmetry.space_group_name_H-M   'P 21 21 2'
#
loop_
_entity.id
_entity.type
_entity.pdbx_description
1 polymer 'Spermidine synthase'
2 water water
#
_entity_poly.entity_id   1
_entity_poly.type   'polypeptide(L)'
_entity_poly.pdbx_seq_one_letter_code
;MRTLKELERELQPRQHLWYFEYYTGNNVGLFMKMNRVIYSGQSDIQRIDIFENPDLGVVFALDGITMTTEKDEFMYHEML
AHVPMFLHPNPKKVLIIGGGDGGTLREVLKHDSVEKAILCEVDGLVIEAARKYLKQTSCGFDDPRAEIVIANGAEYVRKF
KNEFDVIIIDSTDPTAGQGGHLFTEEFYQACYDALKEDGVFSAETEDPFYDIGWFKLAYRRISKVFPITRVYLGFMTTYP
SGMWSYTFASKGIDPIKDFDPEKVRKFNKELKYYNEEVHVASFALPNFVKKELGLM
;
_entity_poly.pdbx_strand_id   A,B,C,D
#
# COMPACT_ATOMS: atom_id res chain seq x y z
N ARG A 2 7.41 3.37 37.15
CA ARG A 2 7.48 1.97 36.63
C ARG A 2 8.46 1.85 35.48
N THR A 3 8.73 0.61 35.06
CA THR A 3 9.63 0.34 33.96
C THR A 3 8.84 0.00 32.69
N LEU A 4 9.53 -0.05 31.56
CA LEU A 4 8.90 -0.36 30.27
C LEU A 4 8.19 -1.72 30.30
N LYS A 5 8.94 -2.77 30.57
CA LYS A 5 8.41 -4.14 30.61
C LYS A 5 7.21 -4.29 31.54
N GLU A 6 7.23 -3.59 32.66
CA GLU A 6 6.15 -3.64 33.65
C GLU A 6 4.83 -3.08 33.12
N LEU A 7 4.91 -2.12 32.20
CA LEU A 7 3.74 -1.49 31.61
C LEU A 7 3.29 -2.12 30.30
N GLU A 8 4.14 -2.99 29.74
CA GLU A 8 3.84 -3.65 28.48
C GLU A 8 2.78 -4.74 28.56
N ARG A 9 1.96 -4.81 27.51
CA ARG A 9 0.90 -5.79 27.41
C ARG A 9 1.02 -6.50 26.07
N GLU A 10 0.19 -7.51 25.83
CA GLU A 10 0.23 -8.23 24.57
C GLU A 10 0.00 -7.28 23.40
N LEU A 11 0.95 -7.27 22.47
CA LEU A 11 0.89 -6.39 21.31
C LEU A 11 -0.21 -6.80 20.33
N GLN A 12 -1.12 -5.87 20.04
CA GLN A 12 -2.23 -6.13 19.14
C GLN A 12 -2.01 -5.50 17.77
N PRO A 13 -2.27 -6.27 16.69
CA PRO A 13 -2.11 -5.81 15.31
C PRO A 13 -3.10 -4.75 14.89
N ARG A 14 -2.63 -3.82 14.06
CA ARG A 14 -3.49 -2.75 13.54
C ARG A 14 -3.33 -2.74 12.02
N GLN A 15 -3.74 -1.66 11.36
CA GLN A 15 -3.64 -1.60 9.90
C GLN A 15 -2.56 -0.64 9.39
N HIS A 16 -1.56 -0.36 10.22
CA HIS A 16 -0.52 0.59 9.85
C HIS A 16 0.86 0.07 9.42
N LEU A 17 1.19 -1.18 9.76
CA LEU A 17 2.50 -1.73 9.40
C LEU A 17 2.35 -2.84 8.37
N TRP A 18 3.07 -2.71 7.27
CA TRP A 18 2.98 -3.66 6.17
C TRP A 18 4.29 -4.07 5.52
N TYR A 19 4.29 -5.30 5.03
CA TYR A 19 5.41 -5.88 4.31
C TYR A 19 4.87 -6.12 2.90
N PHE A 20 5.56 -5.58 1.90
CA PHE A 20 5.17 -5.74 0.50
C PHE A 20 6.26 -6.50 -0.25
N GLU A 21 5.87 -7.62 -0.86
CA GLU A 21 6.80 -8.44 -1.63
C GLU A 21 6.40 -8.41 -3.10
N TYR A 22 7.33 -8.00 -3.95
CA TYR A 22 7.08 -7.94 -5.38
C TYR A 22 7.52 -9.22 -6.07
N TYR A 23 6.71 -9.69 -7.01
CA TYR A 23 7.04 -10.88 -7.78
C TYR A 23 7.84 -10.43 -9.00
N THR A 24 8.49 -11.39 -9.66
CA THR A 24 9.29 -11.09 -10.84
C THR A 24 8.43 -10.33 -11.87
N GLY A 25 8.93 -9.18 -12.30
CA GLY A 25 8.19 -8.35 -13.25
C GLY A 25 7.70 -7.08 -12.56
N ASN A 26 7.52 -7.16 -11.25
CA ASN A 26 7.07 -6.04 -10.42
C ASN A 26 5.66 -5.52 -10.72
N ASN A 27 4.81 -6.39 -11.28
CA ASN A 27 3.44 -6.00 -11.60
C ASN A 27 2.41 -6.63 -10.66
N VAL A 28 2.84 -7.64 -9.92
CA VAL A 28 1.99 -8.34 -8.95
C VAL A 28 2.85 -8.64 -7.73
N GLY A 29 2.20 -8.81 -6.58
CA GLY A 29 2.94 -9.13 -5.37
C GLY A 29 2.04 -9.51 -4.21
N LEU A 30 2.66 -9.77 -3.07
CA LEU A 30 1.93 -10.17 -1.87
C LEU A 30 2.20 -9.17 -0.76
N PHE A 31 1.18 -8.85 0.04
CA PHE A 31 1.37 -7.95 1.16
C PHE A 31 0.94 -8.66 2.45
N MET A 32 1.63 -8.34 3.54
CA MET A 32 1.35 -8.95 4.84
C MET A 32 1.35 -7.91 5.94
N LYS A 33 0.41 -8.04 6.87
CA LYS A 33 0.33 -7.16 8.02
C LYS A 33 1.45 -7.57 8.98
N MET A 34 2.11 -6.60 9.60
CA MET A 34 3.17 -6.91 10.55
C MET A 34 2.76 -6.48 11.95
N ASN A 35 2.64 -7.44 12.86
CA ASN A 35 2.29 -7.07 14.23
C ASN A 35 3.54 -6.47 14.89
N ARG A 36 4.70 -7.03 14.55
CA ARG A 36 5.97 -6.53 15.06
C ARG A 36 7.11 -7.06 14.21
N VAL A 37 8.24 -6.35 14.27
CA VAL A 37 9.43 -6.78 13.54
C VAL A 37 10.37 -7.33 14.60
N ILE A 38 10.75 -8.59 14.45
CA ILE A 38 11.63 -9.28 15.38
C ILE A 38 13.11 -8.97 15.17
N TYR A 39 13.53 -8.88 13.91
CA TYR A 39 14.91 -8.61 13.58
C TYR A 39 15.10 -8.06 12.19
N SER A 40 15.96 -7.06 12.08
CA SER A 40 16.32 -6.47 10.79
C SER A 40 17.83 -6.37 10.81
N GLY A 41 18.48 -7.02 9.88
CA GLY A 41 19.93 -6.99 9.82
C GLY A 41 20.45 -6.92 8.40
N GLN A 42 21.68 -6.47 8.26
CA GLN A 42 22.30 -6.33 6.96
C GLN A 42 23.68 -6.96 6.99
N SER A 43 23.94 -7.87 6.05
CA SER A 43 25.26 -8.50 5.96
C SER A 43 25.94 -7.88 4.74
N ASP A 44 27.13 -8.38 4.41
CA ASP A 44 27.85 -7.88 3.25
C ASP A 44 27.19 -8.36 1.96
N ILE A 45 26.26 -9.29 2.10
CA ILE A 45 25.57 -9.87 0.96
C ILE A 45 24.12 -9.44 0.75
N GLN A 46 23.35 -9.37 1.84
CA GLN A 46 21.93 -9.04 1.72
C GLN A 46 21.29 -8.55 3.02
N ARG A 47 20.02 -8.17 2.92
CA ARG A 47 19.26 -7.71 4.06
C ARG A 47 18.32 -8.81 4.55
N ILE A 48 18.27 -8.97 5.87
CA ILE A 48 17.42 -9.97 6.52
C ILE A 48 16.34 -9.28 7.34
N ASP A 49 15.10 -9.72 7.17
CA ASP A 49 13.99 -9.20 7.97
C ASP A 49 13.17 -10.36 8.48
N ILE A 50 12.89 -10.35 9.78
CA ILE A 50 12.09 -11.39 10.42
C ILE A 50 11.02 -10.64 11.19
N PHE A 51 9.77 -10.95 10.90
CA PHE A 51 8.66 -10.27 11.56
C PHE A 51 7.52 -11.23 11.87
N GLU A 52 6.50 -10.72 12.54
CA GLU A 52 5.35 -11.53 12.94
C GLU A 52 4.07 -11.10 12.23
N ASN A 53 3.40 -12.06 11.60
CA ASN A 53 2.12 -11.81 10.92
C ASN A 53 1.06 -12.58 11.71
N PRO A 54 -0.10 -11.97 11.94
CA PRO A 54 -1.19 -12.61 12.69
C PRO A 54 -1.62 -13.99 12.21
N ASP A 55 -1.62 -14.21 10.90
CA ASP A 55 -2.02 -15.50 10.36
C ASP A 55 -0.87 -16.47 10.05
N LEU A 56 0.23 -15.95 9.53
CA LEU A 56 1.36 -16.78 9.15
C LEU A 56 2.41 -17.03 10.23
N GLY A 57 2.34 -16.28 11.33
CA GLY A 57 3.32 -16.42 12.39
C GLY A 57 4.60 -15.71 12.01
N VAL A 58 5.74 -16.29 12.37
CA VAL A 58 7.03 -15.68 12.07
C VAL A 58 7.37 -15.83 10.58
N VAL A 59 7.71 -14.70 9.95
CA VAL A 59 8.06 -14.65 8.54
C VAL A 59 9.51 -14.19 8.39
N PHE A 60 10.26 -14.91 7.55
CA PHE A 60 11.65 -14.61 7.28
C PHE A 60 11.79 -14.22 5.81
N ALA A 61 12.36 -13.04 5.57
CA ALA A 61 12.55 -12.52 4.21
C ALA A 61 13.98 -12.06 3.97
N LEU A 62 14.46 -12.26 2.73
CA LEU A 62 15.80 -11.83 2.33
C LEU A 62 15.60 -10.87 1.18
N ASP A 63 16.09 -9.63 1.35
CA ASP A 63 15.95 -8.58 0.34
C ASP A 63 14.50 -8.41 -0.13
N GLY A 64 13.57 -8.49 0.81
CA GLY A 64 12.16 -8.33 0.49
C GLY A 64 11.50 -9.50 -0.21
N ILE A 65 12.13 -10.67 -0.17
CA ILE A 65 11.57 -11.87 -0.77
C ILE A 65 11.31 -12.86 0.36
N THR A 66 10.07 -13.35 0.44
CA THR A 66 9.68 -14.28 1.49
C THR A 66 10.40 -15.62 1.35
N MET A 67 11.11 -16.01 2.40
CA MET A 67 11.84 -17.28 2.39
C MET A 67 11.09 -18.36 3.15
N THR A 68 10.61 -18.03 4.35
CA THR A 68 9.85 -19.00 5.15
C THR A 68 8.80 -18.32 6.01
N THR A 69 7.73 -19.06 6.29
CA THR A 69 6.70 -18.58 7.20
C THR A 69 6.44 -19.80 8.10
N GLU A 70 6.22 -19.53 9.37
CA GLU A 70 5.98 -20.57 10.37
C GLU A 70 4.80 -21.48 10.03
N LYS A 71 3.75 -20.91 9.47
CA LYS A 71 2.55 -21.66 9.14
C LYS A 71 2.68 -22.69 8.01
N ASP A 72 3.48 -22.40 6.99
CA ASP A 72 3.56 -23.31 5.86
C ASP A 72 4.92 -23.77 5.34
N GLU A 73 6.01 -23.45 6.04
CA GLU A 73 7.32 -23.86 5.55
C GLU A 73 7.48 -25.36 5.35
N PHE A 74 6.70 -26.15 6.09
CA PHE A 74 6.77 -27.60 5.99
C PHE A 74 6.45 -28.10 4.58
N MET A 75 5.57 -27.39 3.86
CA MET A 75 5.19 -27.81 2.51
C MET A 75 6.37 -27.83 1.56
N TYR A 76 7.19 -26.79 1.65
CA TYR A 76 8.37 -26.66 0.81
C TYR A 76 9.49 -27.58 1.26
N HIS A 77 9.84 -27.52 2.53
CA HIS A 77 10.94 -28.32 3.04
C HIS A 77 10.72 -29.82 2.92
N GLU A 78 9.49 -30.27 3.10
CA GLU A 78 9.20 -31.70 2.98
C GLU A 78 9.30 -32.19 1.54
N MET A 79 8.79 -31.41 0.59
CA MET A 79 8.85 -31.83 -0.79
C MET A 79 10.26 -31.79 -1.37
N LEU A 80 11.03 -30.77 -1.00
CA LEU A 80 12.39 -30.65 -1.50
C LEU A 80 13.29 -31.77 -0.96
N ALA A 81 13.13 -32.10 0.31
CA ALA A 81 13.96 -33.12 0.94
C ALA A 81 13.53 -34.57 0.86
N HIS A 82 12.27 -34.86 1.15
CA HIS A 82 11.82 -36.24 1.18
C HIS A 82 11.77 -37.03 -0.12
N VAL A 83 11.52 -36.36 -1.24
CA VAL A 83 11.48 -37.05 -2.52
C VAL A 83 12.84 -37.72 -2.79
N PRO A 84 13.94 -36.95 -2.77
CA PRO A 84 15.23 -37.61 -3.02
C PRO A 84 15.69 -38.53 -1.88
N MET A 85 15.41 -38.15 -0.64
CA MET A 85 15.83 -38.96 0.51
C MET A 85 15.21 -40.36 0.51
N PHE A 86 13.91 -40.44 0.25
CA PHE A 86 13.24 -41.74 0.22
C PHE A 86 13.59 -42.56 -1.02
N LEU A 87 13.99 -41.88 -2.09
CA LEU A 87 14.37 -42.59 -3.32
C LEU A 87 15.77 -43.20 -3.26
N HIS A 88 16.63 -42.68 -2.38
CA HIS A 88 17.97 -43.23 -2.26
C HIS A 88 17.90 -44.52 -1.44
N PRO A 89 18.63 -45.57 -1.87
CA PRO A 89 18.66 -46.86 -1.18
C PRO A 89 19.11 -46.82 0.28
N ASN A 90 20.08 -45.97 0.58
CA ASN A 90 20.62 -45.85 1.93
C ASN A 90 21.43 -44.56 2.00
N PRO A 91 20.74 -43.41 2.17
CA PRO A 91 21.42 -42.11 2.25
C PRO A 91 22.16 -41.88 3.56
N LYS A 92 23.49 -41.82 3.47
CA LYS A 92 24.32 -41.62 4.65
C LYS A 92 25.00 -40.25 4.70
N LYS A 93 25.45 -39.76 3.56
CA LYS A 93 26.11 -38.45 3.47
C LYS A 93 25.31 -37.53 2.58
N VAL A 94 24.85 -36.42 3.13
CA VAL A 94 24.03 -35.46 2.40
C VAL A 94 24.59 -34.05 2.42
N LEU A 95 24.49 -33.38 1.27
CA LEU A 95 24.95 -32.00 1.13
C LEU A 95 23.76 -31.13 0.73
N ILE A 96 23.53 -30.08 1.50
CA ILE A 96 22.45 -29.12 1.24
C ILE A 96 23.10 -27.78 0.94
N ILE A 97 22.85 -27.24 -0.24
CA ILE A 97 23.40 -25.95 -0.64
C ILE A 97 22.30 -24.91 -0.49
N GLY A 98 22.57 -23.92 0.36
CA GLY A 98 21.59 -22.88 0.63
C GLY A 98 20.82 -23.26 1.88
N GLY A 99 19.57 -22.84 1.96
CA GLY A 99 18.72 -23.18 3.10
C GLY A 99 19.24 -22.79 4.47
N GLY A 100 19.67 -21.52 4.59
CA GLY A 100 20.20 -21.02 5.85
C GLY A 100 19.24 -21.05 7.02
N ASP A 101 17.94 -21.14 6.72
CA ASP A 101 16.92 -21.20 7.77
C ASP A 101 16.98 -22.55 8.49
N GLY A 102 17.49 -23.56 7.80
CA GLY A 102 17.63 -24.89 8.38
C GLY A 102 16.50 -25.89 8.16
N GLY A 103 15.41 -25.46 7.52
CA GLY A 103 14.27 -26.35 7.31
C GLY A 103 14.56 -27.65 6.57
N THR A 104 15.31 -27.55 5.48
CA THR A 104 15.66 -28.73 4.69
C THR A 104 16.54 -29.67 5.51
N LEU A 105 17.47 -29.10 6.27
CA LEU A 105 18.36 -29.87 7.13
C LEU A 105 17.52 -30.65 8.15
N ARG A 106 16.53 -29.98 8.73
CA ARG A 106 15.64 -30.60 9.70
C ARG A 106 14.96 -31.83 9.10
N GLU A 107 14.47 -31.70 7.88
CA GLU A 107 13.80 -32.83 7.22
C GLU A 107 14.76 -33.97 6.88
N VAL A 108 15.96 -33.62 6.42
CA VAL A 108 16.97 -34.62 6.08
C VAL A 108 17.35 -35.45 7.31
N LEU A 109 17.50 -34.76 8.44
CA LEU A 109 17.88 -35.41 9.70
C LEU A 109 16.84 -36.39 10.24
N LYS A 110 15.62 -36.35 9.71
CA LYS A 110 14.57 -37.27 10.15
C LYS A 110 14.88 -38.69 9.69
N HIS A 111 15.71 -38.81 8.65
CA HIS A 111 16.10 -40.11 8.11
C HIS A 111 17.24 -40.71 8.93
N ASP A 112 16.95 -41.80 9.62
CA ASP A 112 17.91 -42.48 10.49
C ASP A 112 19.21 -42.94 9.83
N SER A 113 19.19 -43.18 8.52
CA SER A 113 20.38 -43.64 7.81
C SER A 113 21.45 -42.54 7.70
N VAL A 114 21.03 -41.28 7.82
CA VAL A 114 21.95 -40.16 7.73
C VAL A 114 23.02 -40.17 8.82
N GLU A 115 24.28 -40.12 8.40
CA GLU A 115 25.40 -40.11 9.32
C GLU A 115 26.03 -38.72 9.36
N LYS A 116 25.94 -38.00 8.24
CA LYS A 116 26.50 -36.64 8.15
C LYS A 116 25.71 -35.82 7.14
N ALA A 117 25.29 -34.64 7.57
CA ALA A 117 24.54 -33.72 6.72
C ALA A 117 25.23 -32.37 6.79
N ILE A 118 25.72 -31.91 5.64
CA ILE A 118 26.40 -30.63 5.56
C ILE A 118 25.47 -29.57 5.01
N LEU A 119 25.36 -28.47 5.74
CA LEU A 119 24.54 -27.33 5.32
C LEU A 119 25.53 -26.25 4.89
N CYS A 120 25.60 -26.00 3.59
CA CYS A 120 26.50 -25.00 3.03
C CYS A 120 25.74 -23.72 2.68
N GLU A 121 25.90 -22.72 3.53
CA GLU A 121 25.24 -21.41 3.38
C GLU A 121 26.29 -20.34 3.18
N VAL A 122 26.08 -19.48 2.19
CA VAL A 122 27.03 -18.42 1.87
C VAL A 122 27.06 -17.25 2.85
N ASP A 123 25.92 -16.99 3.50
CA ASP A 123 25.82 -15.88 4.43
C ASP A 123 25.77 -16.31 5.88
N GLY A 124 26.86 -16.03 6.60
CA GLY A 124 26.95 -16.38 8.00
C GLY A 124 25.89 -15.70 8.86
N LEU A 125 25.48 -14.50 8.46
CA LEU A 125 24.47 -13.78 9.24
C LEU A 125 23.11 -14.48 9.16
N VAL A 126 22.84 -15.14 8.03
CA VAL A 126 21.58 -15.86 7.89
C VAL A 126 21.55 -17.02 8.90
N ILE A 127 22.67 -17.73 9.00
CA ILE A 127 22.78 -18.84 9.96
C ILE A 127 22.59 -18.33 11.38
N GLU A 128 23.24 -17.23 11.72
CA GLU A 128 23.14 -16.68 13.07
C GLU A 128 21.73 -16.19 13.40
N ALA A 129 21.09 -15.55 12.43
CA ALA A 129 19.73 -15.05 12.63
C ALA A 129 18.77 -16.23 12.77
N ALA A 130 18.97 -17.28 11.97
CA ALA A 130 18.11 -18.46 12.02
C ALA A 130 18.25 -19.18 13.35
N ARG A 131 19.49 -19.28 13.84
CA ARG A 131 19.76 -19.95 15.10
C ARG A 131 19.06 -19.25 16.26
N LYS A 132 19.05 -17.91 16.22
CA LYS A 132 18.45 -17.12 17.27
C LYS A 132 16.95 -16.84 17.17
N TYR A 133 16.45 -16.64 15.95
CA TYR A 133 15.04 -16.27 15.77
C TYR A 133 14.14 -17.24 15.01
N LEU A 134 14.71 -18.24 14.36
CA LEU A 134 13.90 -19.19 13.58
C LEU A 134 14.07 -20.62 14.10
N LYS A 135 13.83 -20.80 15.40
CA LYS A 135 13.97 -22.10 16.04
C LYS A 135 13.17 -23.24 15.44
N GLN A 136 12.04 -22.94 14.81
CA GLN A 136 11.22 -23.98 14.20
C GLN A 136 11.97 -24.68 13.07
N THR A 137 12.74 -23.91 12.30
CA THR A 137 13.51 -24.48 11.20
C THR A 137 14.96 -24.78 11.53
N SER A 138 15.54 -24.05 12.47
CA SER A 138 16.95 -24.22 12.83
C SER A 138 17.25 -25.23 13.95
N CYS A 139 16.24 -25.97 14.37
CA CYS A 139 16.40 -26.95 15.45
C CYS A 139 17.44 -28.04 15.14
N GLY A 140 17.69 -28.29 13.86
CA GLY A 140 18.65 -29.30 13.47
C GLY A 140 20.10 -28.86 13.58
N PHE A 141 20.33 -27.57 13.82
CA PHE A 141 21.70 -27.05 13.96
C PHE A 141 22.43 -27.75 15.10
N ASP A 142 21.68 -28.15 16.12
CA ASP A 142 22.23 -28.83 17.31
C ASP A 142 22.50 -30.32 17.15
N ASP A 143 22.08 -30.90 16.03
CA ASP A 143 22.28 -32.33 15.77
C ASP A 143 23.77 -32.65 15.57
N PRO A 144 24.28 -33.66 16.27
CA PRO A 144 25.70 -34.06 16.16
C PRO A 144 26.10 -34.43 14.73
N ARG A 145 25.12 -34.83 13.92
CA ARG A 145 25.37 -35.24 12.54
C ARG A 145 25.42 -34.05 11.57
N ALA A 146 24.97 -32.89 12.04
CA ALA A 146 24.94 -31.69 11.22
C ALA A 146 26.23 -30.89 11.28
N GLU A 147 26.66 -30.40 10.10
CA GLU A 147 27.85 -29.59 10.00
C GLU A 147 27.50 -28.38 9.13
N ILE A 148 27.61 -27.19 9.72
CA ILE A 148 27.32 -25.95 9.02
C ILE A 148 28.62 -25.38 8.45
N VAL A 149 28.61 -25.12 7.15
CA VAL A 149 29.79 -24.55 6.48
C VAL A 149 29.39 -23.25 5.80
N ILE A 150 30.13 -22.18 6.10
CA ILE A 150 29.85 -20.88 5.50
C ILE A 150 30.74 -20.78 4.27
N ALA A 151 30.12 -20.94 3.10
CA ALA A 151 30.85 -20.91 1.83
C ALA A 151 29.93 -20.79 0.64
N ASN A 152 30.51 -20.42 -0.50
CA ASN A 152 29.79 -20.29 -1.76
C ASN A 152 29.59 -21.73 -2.23
N GLY A 153 28.32 -22.13 -2.35
CA GLY A 153 27.98 -23.48 -2.77
C GLY A 153 28.59 -23.96 -4.08
N ALA A 154 28.66 -23.10 -5.08
CA ALA A 154 29.22 -23.46 -6.38
C ALA A 154 30.71 -23.77 -6.30
N GLU A 155 31.41 -23.07 -5.41
CA GLU A 155 32.84 -23.29 -5.20
C GLU A 155 33.09 -24.47 -4.27
N TYR A 156 32.23 -24.63 -3.28
CA TYR A 156 32.36 -25.70 -2.29
C TYR A 156 32.18 -27.10 -2.87
N VAL A 157 31.09 -27.32 -3.62
CA VAL A 157 30.80 -28.63 -4.20
C VAL A 157 31.90 -29.16 -5.12
N ARG A 158 32.64 -28.27 -5.76
CA ARG A 158 33.72 -28.66 -6.68
C ARG A 158 34.91 -29.30 -5.98
N LYS A 159 35.00 -29.15 -4.67
CA LYS A 159 36.08 -29.72 -3.88
C LYS A 159 35.88 -31.21 -3.61
N PHE A 160 34.71 -31.73 -3.95
CA PHE A 160 34.39 -33.14 -3.71
C PHE A 160 34.12 -33.95 -4.96
N LYS A 161 34.47 -35.24 -4.89
CA LYS A 161 34.26 -36.18 -5.99
C LYS A 161 33.88 -37.52 -5.38
N ASN A 162 32.79 -38.12 -5.87
CA ASN A 162 32.33 -39.43 -5.39
C ASN A 162 32.25 -39.41 -3.86
N GLU A 163 31.59 -38.38 -3.32
CA GLU A 163 31.50 -38.18 -1.88
C GLU A 163 30.12 -38.29 -1.23
N PHE A 164 29.12 -37.69 -1.85
CA PHE A 164 27.77 -37.66 -1.28
C PHE A 164 26.76 -38.61 -1.91
N ASP A 165 25.78 -39.00 -1.10
CA ASP A 165 24.70 -39.87 -1.54
C ASP A 165 23.57 -39.02 -2.08
N VAL A 166 23.38 -37.84 -1.46
CA VAL A 166 22.32 -36.92 -1.86
C VAL A 166 22.79 -35.47 -1.83
N ILE A 167 22.40 -34.71 -2.84
CA ILE A 167 22.71 -33.29 -2.92
C ILE A 167 21.39 -32.57 -3.17
N ILE A 168 21.09 -31.60 -2.30
CA ILE A 168 19.86 -30.84 -2.40
C ILE A 168 20.19 -29.35 -2.53
N ILE A 169 19.64 -28.71 -3.56
CA ILE A 169 19.88 -27.29 -3.77
C ILE A 169 18.67 -26.51 -3.27
N ASP A 170 18.84 -25.88 -2.11
CA ASP A 170 17.79 -25.09 -1.48
C ASP A 170 18.14 -23.62 -1.68
N SER A 171 18.18 -23.19 -2.94
CA SER A 171 18.49 -21.82 -3.30
C SER A 171 18.24 -21.56 -4.78
N LEU A 182 25.07 -21.10 -8.75
CA LEU A 182 24.26 -22.26 -8.40
C LEU A 182 23.25 -22.56 -9.51
N PHE A 183 23.56 -22.13 -10.73
CA PHE A 183 22.66 -22.33 -11.86
C PHE A 183 23.29 -22.70 -13.19
N THR A 184 24.61 -22.68 -13.28
CA THR A 184 25.30 -23.03 -14.53
C THR A 184 25.38 -24.54 -14.75
N GLU A 185 25.57 -24.95 -16.00
CA GLU A 185 25.67 -26.36 -16.34
C GLU A 185 26.92 -26.94 -15.67
N GLU A 186 27.94 -26.10 -15.56
CA GLU A 186 29.20 -26.48 -14.92
C GLU A 186 28.94 -26.84 -13.46
N PHE A 187 28.07 -26.07 -12.81
CA PHE A 187 27.71 -26.30 -11.41
C PHE A 187 27.01 -27.64 -11.25
N TYR A 188 26.04 -27.92 -12.13
CA TYR A 188 25.30 -29.17 -12.07
C TYR A 188 26.21 -30.36 -12.34
N GLN A 189 27.21 -30.17 -13.22
CA GLN A 189 28.15 -31.23 -13.52
C GLN A 189 29.02 -31.48 -12.29
N ALA A 190 29.32 -30.41 -11.56
CA ALA A 190 30.12 -30.50 -10.35
C ALA A 190 29.34 -31.28 -9.28
N CYS A 191 28.02 -31.11 -9.26
CA CYS A 191 27.16 -31.82 -8.32
C CYS A 191 27.15 -33.30 -8.69
N TYR A 192 27.02 -33.56 -10.00
CA TYR A 192 27.01 -34.92 -10.52
C TYR A 192 28.32 -35.63 -10.13
N ASP A 193 29.43 -34.93 -10.32
CA ASP A 193 30.75 -35.48 -10.00
C ASP A 193 31.00 -35.66 -8.50
N ALA A 194 30.29 -34.87 -7.68
CA ALA A 194 30.44 -34.94 -6.23
C ALA A 194 29.60 -36.09 -5.64
N LEU A 195 28.61 -36.54 -6.41
CA LEU A 195 27.75 -37.63 -5.98
C LEU A 195 28.40 -38.97 -6.26
N LYS A 196 28.00 -39.98 -5.51
CA LYS A 196 28.51 -41.34 -5.71
C LYS A 196 27.83 -41.94 -6.94
N GLU A 197 28.20 -43.18 -7.28
CA GLU A 197 27.64 -43.85 -8.46
C GLU A 197 26.12 -43.98 -8.50
N ASP A 198 25.49 -44.09 -7.33
CA ASP A 198 24.04 -44.22 -7.24
C ASP A 198 23.42 -43.04 -6.51
N GLY A 199 24.07 -41.89 -6.59
CA GLY A 199 23.58 -40.70 -5.91
C GLY A 199 22.34 -40.08 -6.53
N VAL A 200 21.60 -39.34 -5.71
CA VAL A 200 20.38 -38.65 -6.16
C VAL A 200 20.51 -37.16 -5.90
N PHE A 201 19.62 -36.38 -6.52
CA PHE A 201 19.68 -34.93 -6.45
C PHE A 201 18.30 -34.28 -6.54
N SER A 202 18.14 -33.13 -5.89
CA SER A 202 16.90 -32.36 -5.98
C SER A 202 17.26 -30.89 -5.87
N ALA A 203 16.52 -30.07 -6.60
CA ALA A 203 16.75 -28.63 -6.58
C ALA A 203 15.43 -27.90 -6.75
N GLU A 204 15.23 -26.83 -6.00
CA GLU A 204 14.01 -26.05 -6.15
C GLU A 204 14.18 -25.32 -7.47
N THR A 205 13.16 -25.39 -8.33
CA THR A 205 13.24 -24.75 -9.64
C THR A 205 12.18 -23.68 -9.90
N GLU A 206 11.69 -23.09 -8.81
CA GLU A 206 10.70 -22.01 -8.82
C GLU A 206 9.33 -22.27 -9.45
N ASP A 207 8.54 -21.21 -9.53
CA ASP A 207 7.19 -21.30 -10.10
C ASP A 207 7.17 -21.14 -11.61
N PRO A 208 6.50 -22.06 -12.32
CA PRO A 208 6.41 -22.00 -13.79
C PRO A 208 5.33 -20.99 -14.19
N PHE A 209 5.38 -19.81 -13.58
CA PHE A 209 4.42 -18.75 -13.84
C PHE A 209 5.16 -17.42 -13.95
N TYR A 210 5.46 -16.78 -12.83
CA TYR A 210 6.19 -15.51 -12.85
C TYR A 210 7.66 -15.74 -13.19
N ASP A 211 8.16 -16.91 -12.82
CA ASP A 211 9.56 -17.25 -13.05
C ASP A 211 9.75 -18.39 -14.05
N ILE A 212 8.90 -18.40 -15.08
CA ILE A 212 8.96 -19.42 -16.13
C ILE A 212 10.33 -19.49 -16.81
N GLY A 213 10.97 -18.32 -16.97
CA GLY A 213 12.28 -18.26 -17.60
C GLY A 213 13.33 -19.08 -16.86
N TRP A 214 13.45 -18.86 -15.56
CA TRP A 214 14.40 -19.59 -14.73
C TRP A 214 14.06 -21.07 -14.68
N PHE A 215 12.77 -21.37 -14.52
CA PHE A 215 12.28 -22.73 -14.46
C PHE A 215 12.75 -23.54 -15.66
N LYS A 216 12.54 -23.01 -16.86
CA LYS A 216 12.96 -23.67 -18.09
C LYS A 216 14.47 -23.84 -18.18
N LEU A 217 15.20 -22.79 -17.84
CA LEU A 217 16.66 -22.80 -17.88
C LEU A 217 17.27 -23.85 -16.95
N ALA A 218 16.75 -23.92 -15.73
CA ALA A 218 17.23 -24.88 -14.74
C ALA A 218 17.03 -26.31 -15.22
N TYR A 219 15.81 -26.61 -15.69
CA TYR A 219 15.49 -27.94 -16.20
C TYR A 219 16.42 -28.34 -17.34
N ARG A 220 16.59 -27.43 -18.31
CA ARG A 220 17.45 -27.69 -19.47
C ARG A 220 18.87 -28.03 -19.06
N ARG A 221 19.43 -27.25 -18.15
CA ARG A 221 20.80 -27.46 -17.70
C ARG A 221 20.99 -28.74 -16.87
N ILE A 222 20.02 -29.04 -16.00
CA ILE A 222 20.09 -30.25 -15.18
C ILE A 222 19.93 -31.49 -16.05
N SER A 223 19.01 -31.45 -17.01
CA SER A 223 18.75 -32.57 -17.92
C SER A 223 19.92 -32.91 -18.84
N LYS A 224 20.79 -31.94 -19.08
CA LYS A 224 21.96 -32.14 -19.94
C LYS A 224 23.06 -32.88 -19.19
N VAL A 225 22.99 -32.87 -17.85
CA VAL A 225 23.98 -33.51 -17.01
C VAL A 225 23.55 -34.87 -16.47
N PHE A 226 22.34 -34.94 -15.92
CA PHE A 226 21.81 -36.17 -15.35
C PHE A 226 20.96 -36.98 -16.32
N PRO A 227 21.19 -38.31 -16.38
CA PRO A 227 20.45 -39.22 -17.26
C PRO A 227 18.96 -39.21 -16.92
N ILE A 228 18.66 -39.10 -15.62
CA ILE A 228 17.29 -39.06 -15.13
C ILE A 228 17.05 -37.67 -14.55
N THR A 229 16.10 -36.95 -15.15
CA THR A 229 15.74 -35.61 -14.71
C THR A 229 14.22 -35.49 -14.84
N ARG A 230 13.56 -35.32 -13.71
CA ARG A 230 12.11 -35.22 -13.66
C ARG A 230 11.64 -34.09 -12.76
N VAL A 231 10.71 -33.29 -13.27
CA VAL A 231 10.14 -32.19 -12.51
C VAL A 231 8.94 -32.67 -11.70
N TYR A 232 8.87 -32.22 -10.45
CA TYR A 232 7.72 -32.54 -9.61
C TYR A 232 7.20 -31.23 -9.03
N LEU A 233 5.91 -31.19 -8.75
CA LEU A 233 5.27 -29.99 -8.25
C LEU A 233 4.69 -30.11 -6.87
N GLY A 234 4.60 -28.98 -6.17
CA GLY A 234 4.04 -28.96 -4.85
C GLY A 234 3.41 -27.63 -4.51
N PHE A 235 2.43 -27.66 -3.62
CA PHE A 235 1.78 -26.43 -3.19
C PHE A 235 2.71 -25.72 -2.21
N MET A 236 2.74 -24.40 -2.28
CA MET A 236 3.57 -23.59 -1.41
C MET A 236 2.72 -22.33 -1.24
N THR A 237 1.88 -22.38 -0.22
CA THR A 237 0.92 -21.33 0.08
C THR A 237 1.35 -19.88 0.27
N THR A 238 2.67 -19.64 0.37
CA THR A 238 3.15 -18.26 0.50
C THR A 238 4.29 -17.89 -0.45
N TYR A 239 4.54 -18.74 -1.45
CA TYR A 239 5.56 -18.46 -2.46
C TYR A 239 4.82 -17.94 -3.69
N PRO A 240 5.48 -17.16 -4.55
CA PRO A 240 4.87 -16.60 -5.76
C PRO A 240 4.09 -17.61 -6.60
N SER A 241 2.79 -17.34 -6.76
CA SER A 241 1.83 -18.14 -7.52
C SER A 241 1.27 -19.36 -6.78
N GLY A 242 1.96 -19.83 -5.76
CA GLY A 242 1.50 -20.98 -5.00
C GLY A 242 1.79 -22.31 -5.67
N MET A 243 2.34 -22.27 -6.88
CA MET A 243 2.69 -23.47 -7.63
C MET A 243 4.21 -23.55 -7.70
N TRP A 244 4.80 -24.39 -6.86
CA TRP A 244 6.24 -24.52 -6.83
C TRP A 244 6.74 -25.77 -7.51
N SER A 245 7.87 -25.66 -8.19
CA SER A 245 8.44 -26.81 -8.88
C SER A 245 9.76 -27.20 -8.26
N TYR A 246 10.08 -28.48 -8.40
CA TYR A 246 11.31 -29.04 -7.89
C TYR A 246 11.78 -29.98 -9.00
N THR A 247 13.09 -30.16 -9.10
CA THR A 247 13.62 -31.04 -10.12
C THR A 247 14.44 -32.15 -9.49
N PHE A 248 13.98 -33.38 -9.68
CA PHE A 248 14.69 -34.55 -9.17
C PHE A 248 15.63 -35.02 -10.26
N ALA A 249 16.82 -35.47 -9.87
CA ALA A 249 17.79 -35.97 -10.82
C ALA A 249 18.60 -37.11 -10.22
N SER A 250 19.05 -38.03 -11.06
CA SER A 250 19.84 -39.16 -10.58
C SER A 250 20.65 -39.76 -11.72
N LYS A 251 21.44 -40.78 -11.38
CA LYS A 251 22.28 -41.47 -12.35
C LYS A 251 21.65 -42.80 -12.77
N GLY A 252 20.37 -42.98 -12.43
CA GLY A 252 19.69 -44.21 -12.79
C GLY A 252 18.38 -44.47 -12.06
N ILE A 253 18.31 -44.05 -10.81
CA ILE A 253 17.11 -44.24 -10.00
C ILE A 253 15.92 -43.45 -10.54
N ASP A 254 14.85 -44.15 -10.87
CA ASP A 254 13.64 -43.54 -11.39
C ASP A 254 12.74 -43.16 -10.21
N PRO A 255 12.25 -41.91 -10.17
CA PRO A 255 11.40 -41.45 -9.08
C PRO A 255 10.06 -42.15 -8.91
N ILE A 256 9.62 -42.86 -9.95
CA ILE A 256 8.35 -43.58 -9.89
C ILE A 256 8.58 -45.09 -9.83
N LYS A 257 9.31 -45.60 -10.82
CA LYS A 257 9.59 -47.03 -10.92
C LYS A 257 10.40 -47.60 -9.75
N ASP A 258 11.28 -46.80 -9.18
CA ASP A 258 12.11 -47.23 -8.07
C ASP A 258 11.66 -46.71 -6.70
N PHE A 259 10.42 -46.26 -6.63
CA PHE A 259 9.86 -45.76 -5.38
C PHE A 259 9.23 -46.89 -4.58
N ASP A 260 9.62 -47.00 -3.31
CA ASP A 260 9.07 -48.02 -2.41
C ASP A 260 8.21 -47.29 -1.40
N PRO A 261 6.87 -47.31 -1.60
CA PRO A 261 5.94 -46.63 -0.69
C PRO A 261 5.99 -47.10 0.76
N GLU A 262 6.47 -48.32 0.99
CA GLU A 262 6.55 -48.84 2.36
C GLU A 262 7.51 -48.04 3.25
N LYS A 263 8.56 -47.48 2.65
CA LYS A 263 9.53 -46.68 3.40
C LYS A 263 8.83 -45.47 3.99
N VAL A 264 7.92 -44.89 3.21
CA VAL A 264 7.16 -43.72 3.64
C VAL A 264 6.08 -44.10 4.64
N ARG A 265 5.37 -45.20 4.36
CA ARG A 265 4.30 -45.66 5.24
C ARG A 265 4.82 -45.99 6.64
N LYS A 266 6.02 -46.56 6.69
CA LYS A 266 6.64 -46.96 7.94
C LYS A 266 7.56 -45.94 8.59
N PHE A 267 7.66 -44.76 8.00
CA PHE A 267 8.53 -43.70 8.52
C PHE A 267 8.21 -43.41 9.99
N ASN A 268 9.26 -43.33 10.80
CA ASN A 268 9.10 -43.10 12.24
C ASN A 268 9.11 -41.64 12.69
N LYS A 269 8.99 -40.71 11.75
CA LYS A 269 8.98 -39.29 12.05
C LYS A 269 7.73 -38.63 11.47
N GLU A 270 7.40 -37.45 11.99
CA GLU A 270 6.23 -36.71 11.53
C GLU A 270 6.38 -36.10 10.14
N LEU A 271 5.31 -36.22 9.36
CA LEU A 271 5.25 -35.65 8.01
C LEU A 271 3.91 -34.92 7.94
N LYS A 272 3.96 -33.61 7.68
CA LYS A 272 2.74 -32.81 7.61
C LYS A 272 2.19 -32.61 6.21
N TYR A 273 2.99 -32.94 5.19
CA TYR A 273 2.56 -32.78 3.80
C TYR A 273 2.81 -34.05 3.01
N TYR A 274 4.07 -34.43 2.92
CA TYR A 274 4.50 -35.59 2.15
C TYR A 274 3.98 -36.95 2.63
N ASN A 275 3.57 -37.76 1.65
CA ASN A 275 3.11 -39.14 1.89
C ASN A 275 3.29 -39.90 0.56
N GLU A 276 3.06 -41.20 0.58
CA GLU A 276 3.25 -42.02 -0.61
C GLU A 276 2.41 -41.63 -1.84
N GLU A 277 1.17 -41.20 -1.61
CA GLU A 277 0.28 -40.80 -2.70
C GLU A 277 0.76 -39.50 -3.32
N VAL A 278 1.16 -38.56 -2.46
CA VAL A 278 1.66 -37.26 -2.92
C VAL A 278 2.98 -37.40 -3.67
N HIS A 279 3.82 -38.35 -3.27
CA HIS A 279 5.10 -38.55 -3.94
C HIS A 279 4.88 -38.83 -5.43
N VAL A 280 4.03 -39.81 -5.72
CA VAL A 280 3.74 -40.18 -7.10
C VAL A 280 2.96 -39.08 -7.83
N ALA A 281 1.97 -38.52 -7.16
CA ALA A 281 1.13 -37.47 -7.74
C ALA A 281 1.89 -36.22 -8.12
N SER A 282 2.91 -35.87 -7.34
CA SER A 282 3.69 -34.66 -7.61
C SER A 282 4.37 -34.65 -8.97
N PHE A 283 4.59 -35.82 -9.55
CA PHE A 283 5.23 -35.92 -10.86
C PHE A 283 4.29 -35.75 -12.05
N ALA A 284 2.99 -35.61 -11.77
CA ALA A 284 2.00 -35.41 -12.83
C ALA A 284 1.99 -33.92 -13.17
N LEU A 285 2.36 -33.59 -14.40
CA LEU A 285 2.43 -32.20 -14.81
C LEU A 285 1.27 -31.73 -15.69
N PRO A 286 0.71 -30.54 -15.38
CA PRO A 286 -0.39 -29.99 -16.17
C PRO A 286 0.11 -29.76 -17.59
N ASN A 287 -0.79 -29.70 -18.56
CA ASN A 287 -0.39 -29.50 -19.94
C ASN A 287 0.49 -28.30 -20.22
N PHE A 288 0.18 -27.15 -19.61
CA PHE A 288 0.99 -25.96 -19.86
C PHE A 288 2.44 -26.11 -19.40
N VAL A 289 2.66 -26.89 -18.35
CA VAL A 289 4.01 -27.12 -17.85
C VAL A 289 4.77 -28.05 -18.80
N LYS A 290 4.08 -29.09 -19.27
CA LYS A 290 4.68 -30.06 -20.19
C LYS A 290 5.08 -29.35 -21.49
N LYS A 291 4.25 -28.41 -21.93
CA LYS A 291 4.52 -27.66 -23.16
C LYS A 291 5.77 -26.79 -23.00
N GLU A 292 5.91 -26.18 -21.83
CA GLU A 292 7.07 -25.32 -21.55
C GLU A 292 8.37 -26.13 -21.51
N LEU A 293 8.28 -27.38 -21.05
CA LEU A 293 9.43 -28.27 -20.97
C LEU A 293 9.65 -29.07 -22.25
N GLY A 294 8.74 -28.91 -23.20
CA GLY A 294 8.86 -29.63 -24.47
C GLY A 294 8.49 -31.09 -24.35
N LEU A 295 7.47 -31.38 -23.55
CA LEU A 295 7.01 -32.75 -23.36
C LEU A 295 5.67 -33.00 -24.06
N MET A 296 4.69 -32.14 -23.81
CA MET A 296 3.36 -32.25 -24.41
C MET A 296 2.47 -31.06 -24.06
N ARG B 2 32.92 -16.01 12.85
CA ARG B 2 32.41 -14.66 13.11
C ARG B 2 31.06 -14.71 13.81
N THR B 3 30.87 -13.81 14.77
CA THR B 3 29.63 -13.72 15.53
C THR B 3 28.57 -12.89 14.81
N LEU B 4 27.33 -12.95 15.30
CA LEU B 4 26.21 -12.22 14.72
C LEU B 4 26.49 -10.72 14.63
N LYS B 5 26.88 -10.12 15.76
CA LYS B 5 27.17 -8.68 15.82
C LYS B 5 28.35 -8.33 14.90
N GLU B 6 29.32 -9.23 14.83
CA GLU B 6 30.52 -9.03 14.01
C GLU B 6 30.21 -9.03 12.50
N LEU B 7 29.13 -9.72 12.12
CA LEU B 7 28.73 -9.82 10.72
C LEU B 7 27.75 -8.73 10.28
N GLU B 8 27.19 -8.00 11.23
CA GLU B 8 26.22 -6.95 10.92
C GLU B 8 26.85 -5.70 10.30
N ARG B 9 26.13 -5.11 9.35
CA ARG B 9 26.56 -3.90 8.66
C ARG B 9 25.44 -2.87 8.72
N GLU B 10 25.71 -1.67 8.21
CA GLU B 10 24.72 -0.59 8.21
C GLU B 10 23.48 -1.05 7.45
N LEU B 11 22.31 -0.94 8.09
CA LEU B 11 21.06 -1.36 7.48
C LEU B 11 20.64 -0.42 6.36
N GLN B 12 20.42 -0.98 5.17
CA GLN B 12 20.03 -0.22 4.00
C GLN B 12 18.52 -0.34 3.71
N PRO B 13 17.85 0.80 3.46
CA PRO B 13 16.42 0.80 3.18
C PRO B 13 16.06 0.23 1.82
N ARG B 14 14.98 -0.54 1.77
CA ARG B 14 14.52 -1.13 0.52
C ARG B 14 13.07 -0.70 0.30
N GLN B 15 12.32 -1.43 -0.53
CA GLN B 15 10.94 -1.04 -0.80
C GLN B 15 9.90 -2.03 -0.29
N HIS B 16 10.22 -2.75 0.77
CA HIS B 16 9.32 -3.75 1.31
C HIS B 16 8.61 -3.46 2.64
N LEU B 17 9.15 -2.56 3.45
CA LEU B 17 8.55 -2.25 4.75
C LEU B 17 7.93 -0.87 4.72
N TRP B 18 6.65 -0.80 5.09
CA TRP B 18 5.91 0.46 5.05
C TRP B 18 4.98 0.72 6.22
N TYR B 19 4.81 2.01 6.50
CA TYR B 19 3.91 2.52 7.52
C TYR B 19 2.82 3.28 6.77
N PHE B 20 1.57 2.92 7.02
CA PHE B 20 0.42 3.57 6.39
C PHE B 20 -0.38 4.29 7.48
N GLU B 21 -0.53 5.61 7.33
CA GLU B 21 -1.32 6.39 8.27
C GLU B 21 -2.62 6.80 7.59
N TYR B 22 -3.73 6.26 8.06
CA TYR B 22 -5.02 6.60 7.49
C TYR B 22 -5.59 7.84 8.17
N TYR B 23 -6.14 8.75 7.38
CA TYR B 23 -6.73 9.97 7.90
C TYR B 23 -8.19 9.71 8.26
N THR B 24 -8.80 10.64 8.99
CA THR B 24 -10.20 10.53 9.39
C THR B 24 -11.06 10.31 8.14
N GLY B 25 -11.78 9.20 8.11
CA GLY B 25 -12.61 8.87 6.98
C GLY B 25 -12.08 7.65 6.24
N ASN B 26 -10.77 7.39 6.40
CA ASN B 26 -10.09 6.27 5.77
C ASN B 26 -10.07 6.27 4.25
N ASN B 27 -10.18 7.46 3.65
CA ASN B 27 -10.18 7.59 2.19
C ASN B 27 -8.88 8.17 1.64
N VAL B 28 -8.06 8.73 2.52
CA VAL B 28 -6.79 9.34 2.17
C VAL B 28 -5.83 9.06 3.32
N GLY B 29 -4.53 9.03 3.03
CA GLY B 29 -3.55 8.79 4.07
C GLY B 29 -2.14 9.04 3.59
N LEU B 30 -1.19 8.93 4.52
CA LEU B 30 0.22 9.13 4.23
C LEU B 30 0.94 7.81 4.41
N PHE B 31 1.92 7.53 3.54
CA PHE B 31 2.72 6.32 3.70
C PHE B 31 4.19 6.71 3.83
N MET B 32 4.91 5.93 4.63
CA MET B 32 6.33 6.18 4.87
C MET B 32 7.12 4.89 4.81
N LYS B 33 8.30 4.94 4.19
CA LYS B 33 9.18 3.79 4.12
C LYS B 33 9.81 3.60 5.50
N MET B 34 9.98 2.35 5.92
CA MET B 34 10.60 2.09 7.20
C MET B 34 11.94 1.38 7.00
N ASN B 35 13.04 1.98 7.44
CA ASN B 35 14.32 1.32 7.31
C ASN B 35 14.40 0.27 8.41
N ARG B 36 13.85 0.60 9.57
CA ARG B 36 13.83 -0.33 10.70
C ARG B 36 12.82 0.15 11.72
N VAL B 37 12.32 -0.79 12.53
CA VAL B 37 11.39 -0.47 13.59
C VAL B 37 12.18 -0.51 14.88
N ILE B 38 12.21 0.61 15.58
CA ILE B 38 12.97 0.75 16.82
C ILE B 38 12.25 0.17 18.03
N TYR B 39 10.94 0.38 18.08
CA TYR B 39 10.14 -0.11 19.21
C TYR B 39 8.67 -0.26 18.86
N SER B 40 8.08 -1.34 19.37
CA SER B 40 6.65 -1.61 19.20
C SER B 40 6.19 -2.12 20.55
N GLY B 41 5.29 -1.37 21.19
CA GLY B 41 4.79 -1.75 22.49
C GLY B 41 3.32 -1.45 22.65
N GLN B 42 2.69 -2.16 23.58
CA GLN B 42 1.27 -1.98 23.83
C GLN B 42 1.04 -1.75 25.32
N SER B 43 0.30 -0.69 25.64
CA SER B 43 -0.02 -0.41 27.05
C SER B 43 -1.50 -0.76 27.23
N ASP B 44 -2.03 -0.48 28.42
CA ASP B 44 -3.45 -0.75 28.67
C ASP B 44 -4.31 0.28 27.94
N ILE B 45 -3.66 1.30 27.39
CA ILE B 45 -4.35 2.38 26.71
C ILE B 45 -4.23 2.40 25.18
N GLN B 46 -3.03 2.13 24.66
CA GLN B 46 -2.82 2.19 23.22
C GLN B 46 -1.55 1.49 22.78
N ARG B 47 -1.35 1.49 21.46
CA ARG B 47 -0.17 0.90 20.86
C ARG B 47 0.82 1.99 20.46
N ILE B 48 2.10 1.73 20.70
CA ILE B 48 3.18 2.66 20.39
C ILE B 48 4.11 2.05 19.35
N ASP B 49 4.46 2.83 18.33
CA ASP B 49 5.42 2.37 17.33
C ASP B 49 6.41 3.49 17.04
N ILE B 50 7.69 3.14 17.08
CA ILE B 50 8.74 4.10 16.80
C ILE B 50 9.60 3.45 15.73
N PHE B 51 9.80 4.14 14.61
CA PHE B 51 10.59 3.60 13.51
C PHE B 51 11.44 4.66 12.83
N GLU B 52 12.32 4.22 11.94
CA GLU B 52 13.20 5.14 11.22
C GLU B 52 12.84 5.23 9.74
N ASN B 53 12.66 6.46 9.27
CA ASN B 53 12.36 6.75 7.86
C ASN B 53 13.61 7.47 7.33
N PRO B 54 14.06 7.10 6.11
CA PRO B 54 15.25 7.75 5.53
C PRO B 54 15.24 9.27 5.43
N ASP B 55 14.08 9.86 5.21
CA ASP B 55 13.98 11.31 5.10
C ASP B 55 13.57 12.04 6.36
N LEU B 56 12.61 11.46 7.07
CA LEU B 56 12.07 12.08 8.28
C LEU B 56 12.78 11.74 9.59
N GLY B 57 13.65 10.73 9.55
CA GLY B 57 14.35 10.33 10.76
C GLY B 57 13.45 9.47 11.63
N VAL B 58 13.59 9.59 12.95
CA VAL B 58 12.77 8.81 13.86
C VAL B 58 11.33 9.31 13.86
N VAL B 59 10.40 8.37 13.68
CA VAL B 59 8.97 8.67 13.64
C VAL B 59 8.29 7.95 14.79
N PHE B 60 7.42 8.68 15.50
CA PHE B 60 6.68 8.15 16.65
C PHE B 60 5.19 8.19 16.32
N ALA B 61 4.54 7.04 16.44
CA ALA B 61 3.11 6.90 16.15
C ALA B 61 2.36 6.21 17.30
N LEU B 62 1.12 6.64 17.51
CA LEU B 62 0.25 6.06 18.54
C LEU B 62 -1.00 5.57 17.82
N ASP B 63 -1.29 4.27 17.96
CA ASP B 63 -2.45 3.66 17.30
C ASP B 63 -2.48 3.96 15.80
N GLY B 64 -1.29 3.97 15.18
CA GLY B 64 -1.21 4.21 13.75
C GLY B 64 -1.42 5.66 13.33
N ILE B 65 -1.26 6.59 14.27
CA ILE B 65 -1.40 8.02 14.00
C ILE B 65 -0.05 8.66 14.26
N THR B 66 0.47 9.40 13.29
CA THR B 66 1.77 10.05 13.42
C THR B 66 1.74 11.15 14.47
N MET B 67 2.59 11.04 15.48
CA MET B 67 2.68 12.03 16.55
C MET B 67 3.86 12.97 16.37
N THR B 68 5.05 12.40 16.13
CA THR B 68 6.24 13.21 15.90
C THR B 68 7.15 12.61 14.86
N THR B 69 7.89 13.50 14.22
CA THR B 69 8.85 13.18 13.20
C THR B 69 10.07 14.04 13.55
N GLU B 70 11.27 13.47 13.55
CA GLU B 70 12.46 14.24 13.91
C GLU B 70 12.72 15.42 12.98
N LYS B 71 12.37 15.27 11.71
CA LYS B 71 12.62 16.32 10.74
C LYS B 71 11.77 17.57 10.92
N ASP B 72 10.53 17.41 11.38
CA ASP B 72 9.66 18.58 11.48
C ASP B 72 8.88 18.84 12.77
N GLU B 73 9.10 18.05 13.81
CA GLU B 73 8.35 18.27 15.05
C GLU B 73 8.49 19.69 15.60
N PHE B 74 9.60 20.36 15.27
CA PHE B 74 9.83 21.72 15.75
C PHE B 74 8.72 22.68 15.30
N MET B 75 8.13 22.44 14.12
CA MET B 75 7.08 23.31 13.59
C MET B 75 5.87 23.34 14.50
N TYR B 76 5.48 22.15 14.95
CA TYR B 76 4.32 21.98 15.82
C TYR B 76 4.60 22.43 17.25
N HIS B 77 5.68 21.93 17.84
CA HIS B 77 5.99 22.27 19.22
C HIS B 77 6.26 23.76 19.43
N GLU B 78 6.91 24.41 18.47
CA GLU B 78 7.17 25.84 18.62
C GLU B 78 5.91 26.68 18.55
N MET B 79 5.00 26.34 17.63
CA MET B 79 3.77 27.13 17.53
C MET B 79 2.83 26.90 18.69
N LEU B 80 2.75 25.66 19.17
CA LEU B 80 1.87 25.36 20.30
C LEU B 80 2.35 26.02 21.58
N ALA B 81 3.66 26.00 21.81
CA ALA B 81 4.23 26.55 23.03
C ALA B 81 4.58 28.04 23.07
N HIS B 82 5.26 28.54 22.05
CA HIS B 82 5.71 29.92 22.08
C HIS B 82 4.68 31.02 21.97
N VAL B 83 3.56 30.75 21.29
CA VAL B 83 2.52 31.77 21.20
C VAL B 83 2.03 32.15 22.60
N PRO B 84 1.58 31.16 23.40
CA PRO B 84 1.12 31.56 24.74
C PRO B 84 2.26 31.96 25.69
N MET B 85 3.42 31.31 25.58
CA MET B 85 4.54 31.64 26.46
C MET B 85 5.01 33.09 26.32
N PHE B 86 5.14 33.57 25.09
CA PHE B 86 5.57 34.94 24.85
C PHE B 86 4.49 35.97 25.16
N LEU B 87 3.23 35.56 25.09
CA LEU B 87 2.13 36.47 25.39
C LEU B 87 1.94 36.70 26.88
N HIS B 88 2.34 35.72 27.70
CA HIS B 88 2.23 35.88 29.14
C HIS B 88 3.33 36.84 29.62
N PRO B 89 2.99 37.78 30.51
CA PRO B 89 3.97 38.74 31.02
C PRO B 89 5.15 38.16 31.82
N ASN B 90 4.93 37.04 32.51
CA ASN B 90 5.98 36.42 33.31
C ASN B 90 5.53 35.01 33.71
N PRO B 91 5.59 34.07 32.75
CA PRO B 91 5.18 32.68 32.99
C PRO B 91 6.14 31.88 33.86
N LYS B 92 5.68 31.55 35.07
CA LYS B 92 6.48 30.80 36.03
C LYS B 92 6.02 29.37 36.24
N LYS B 93 4.71 29.14 36.26
CA LYS B 93 4.15 27.81 36.46
C LYS B 93 3.33 27.43 35.25
N VAL B 94 3.76 26.35 34.59
CA VAL B 94 3.11 25.87 33.37
C VAL B 94 2.63 24.42 33.51
N LEU B 95 1.47 24.14 32.92
CA LEU B 95 0.91 22.78 32.91
C LEU B 95 0.70 22.38 31.45
N ILE B 96 1.29 21.25 31.07
CA ILE B 96 1.16 20.70 29.72
C ILE B 96 0.43 19.37 29.85
N ILE B 97 -0.70 19.26 29.15
CA ILE B 97 -1.50 18.05 29.17
C ILE B 97 -1.28 17.36 27.83
N GLY B 98 -0.90 16.08 27.89
CA GLY B 98 -0.58 15.35 26.69
C GLY B 98 0.91 15.58 26.49
N GLY B 99 1.36 15.57 25.24
CA GLY B 99 2.77 15.81 24.95
C GLY B 99 3.72 14.81 25.57
N GLY B 100 3.37 13.54 25.51
CA GLY B 100 4.18 12.49 26.07
C GLY B 100 5.58 12.35 25.48
N ASP B 101 5.76 12.88 24.28
CA ASP B 101 7.06 12.84 23.60
C ASP B 101 8.04 13.83 24.23
N GLY B 102 7.51 14.89 24.85
CA GLY B 102 8.32 15.89 25.50
C GLY B 102 8.65 17.16 24.72
N GLY B 103 8.29 17.20 23.45
CA GLY B 103 8.57 18.36 22.61
C GLY B 103 8.08 19.70 23.12
N THR B 104 6.82 19.74 23.56
CA THR B 104 6.24 20.98 24.07
C THR B 104 6.96 21.40 25.36
N LEU B 105 7.27 20.42 26.21
CA LEU B 105 8.00 20.69 27.45
C LEU B 105 9.37 21.31 27.12
N ARG B 106 10.03 20.77 26.11
CA ARG B 106 11.34 21.27 25.69
C ARG B 106 11.25 22.75 25.29
N GLU B 107 10.23 23.09 24.51
CA GLU B 107 10.06 24.48 24.08
C GLU B 107 9.73 25.40 25.27
N VAL B 108 8.86 24.93 26.16
CA VAL B 108 8.48 25.71 27.34
C VAL B 108 9.70 26.01 28.22
N LEU B 109 10.56 25.02 28.38
CA LEU B 109 11.76 25.18 29.21
C LEU B 109 12.77 26.19 28.69
N LYS B 110 12.63 26.61 27.43
CA LYS B 110 13.53 27.61 26.87
C LYS B 110 13.29 28.99 27.49
N HIS B 111 12.11 29.17 28.08
CA HIS B 111 11.77 30.44 28.73
C HIS B 111 12.33 30.48 30.14
N ASP B 112 13.30 31.37 30.35
CA ASP B 112 13.98 31.51 31.64
C ASP B 112 13.10 31.79 32.86
N SER B 113 11.94 32.38 32.63
CA SER B 113 11.02 32.70 33.72
C SER B 113 10.38 31.46 34.35
N VAL B 114 10.33 30.36 33.59
CA VAL B 114 9.74 29.11 34.07
C VAL B 114 10.43 28.55 35.31
N GLU B 115 9.64 28.31 36.35
CA GLU B 115 10.14 27.75 37.60
C GLU B 115 9.67 26.30 37.74
N LYS B 116 8.48 26.01 37.21
CA LYS B 116 7.93 24.66 37.27
C LYS B 116 7.06 24.39 36.05
N ALA B 117 7.35 23.28 35.38
CA ALA B 117 6.58 22.87 34.21
C ALA B 117 6.13 21.43 34.44
N ILE B 118 4.83 21.24 34.62
CA ILE B 118 4.28 19.91 34.86
C ILE B 118 3.81 19.29 33.55
N LEU B 119 4.29 18.08 33.28
CA LEU B 119 3.90 17.34 32.08
C LEU B 119 2.99 16.23 32.56
N CYS B 120 1.69 16.37 32.26
CA CYS B 120 0.69 15.40 32.65
C CYS B 120 0.38 14.48 31.47
N GLU B 121 0.81 13.23 31.60
CA GLU B 121 0.64 12.22 30.56
C GLU B 121 -0.16 11.04 31.10
N VAL B 122 -1.20 10.64 30.38
CA VAL B 122 -2.06 9.55 30.83
C VAL B 122 -1.44 8.15 30.77
N ASP B 123 -0.51 7.96 29.82
CA ASP B 123 0.13 6.66 29.61
C ASP B 123 1.61 6.63 30.02
N GLY B 124 1.90 5.88 31.08
CA GLY B 124 3.28 5.77 31.54
C GLY B 124 4.23 5.14 30.54
N LEU B 125 3.70 4.27 29.70
CA LEU B 125 4.53 3.60 28.68
C LEU B 125 5.01 4.60 27.63
N VAL B 126 4.20 5.63 27.36
CA VAL B 126 4.60 6.66 26.41
C VAL B 126 5.79 7.43 26.96
N ILE B 127 5.75 7.77 28.25
CA ILE B 127 6.87 8.48 28.87
C ILE B 127 8.13 7.63 28.85
N GLU B 128 8.01 6.36 29.21
CA GLU B 128 9.18 5.49 29.21
C GLU B 128 9.77 5.27 27.82
N ALA B 129 8.90 5.11 26.83
CA ALA B 129 9.37 4.92 25.46
C ALA B 129 10.03 6.19 24.94
N ALA B 130 9.45 7.34 25.28
CA ALA B 130 10.01 8.62 24.84
C ALA B 130 11.37 8.88 25.47
N ARG B 131 11.50 8.54 26.75
CA ARG B 131 12.75 8.73 27.47
C ARG B 131 13.87 7.92 26.84
N LYS B 132 13.54 6.70 26.41
CA LYS B 132 14.53 5.80 25.83
C LYS B 132 14.78 5.94 24.34
N TYR B 133 13.73 6.20 23.57
CA TYR B 133 13.86 6.26 22.12
C TYR B 133 13.65 7.59 21.40
N LEU B 134 13.10 8.58 22.08
CA LEU B 134 12.84 9.88 21.47
C LEU B 134 13.63 11.00 22.14
N LYS B 135 14.95 10.83 22.16
CA LYS B 135 15.86 11.78 22.79
C LYS B 135 15.74 13.23 22.35
N GLN B 136 15.43 13.46 21.08
CA GLN B 136 15.32 14.82 20.56
C GLN B 136 14.21 15.61 21.25
N THR B 137 13.13 14.94 21.60
CA THR B 137 12.01 15.60 22.25
C THR B 137 11.94 15.40 23.76
N SER B 138 12.47 14.29 24.27
CA SER B 138 12.41 14.01 25.71
C SER B 138 13.59 14.54 26.52
N CYS B 139 14.41 15.38 25.91
CA CYS B 139 15.59 15.94 26.58
C CYS B 139 15.30 16.76 27.84
N GLY B 140 14.06 17.23 27.97
CA GLY B 140 13.71 18.03 29.13
C GLY B 140 13.17 17.24 30.32
N PHE B 141 12.97 15.93 30.15
CA PHE B 141 12.45 15.08 31.22
C PHE B 141 13.26 15.16 32.50
N ASP B 142 14.57 15.28 32.37
CA ASP B 142 15.48 15.35 33.52
C ASP B 142 15.74 16.75 34.07
N ASP B 143 15.13 17.78 33.46
CA ASP B 143 15.29 19.15 33.93
C ASP B 143 14.62 19.26 35.30
N PRO B 144 15.31 19.85 36.29
CA PRO B 144 14.76 20.00 37.63
C PRO B 144 13.43 20.75 37.68
N ARG B 145 13.18 21.60 36.69
CA ARG B 145 11.94 22.37 36.63
C ARG B 145 10.78 21.54 36.12
N ALA B 146 11.08 20.41 35.49
CA ALA B 146 10.04 19.54 34.95
C ALA B 146 9.57 18.49 35.95
N GLU B 147 8.25 18.30 36.00
CA GLU B 147 7.65 17.30 36.86
C GLU B 147 6.70 16.49 36.00
N ILE B 148 6.99 15.21 35.83
CA ILE B 148 6.16 14.33 35.03
C ILE B 148 5.13 13.65 35.93
N VAL B 149 3.86 13.78 35.57
CA VAL B 149 2.78 13.17 36.33
C VAL B 149 1.97 12.26 35.42
N ILE B 150 1.80 11.01 35.84
CA ILE B 150 1.01 10.04 35.08
C ILE B 150 -0.41 10.12 35.59
N ALA B 151 -1.27 10.77 34.81
CA ALA B 151 -2.66 10.96 35.18
C ALA B 151 -3.49 11.42 34.00
N ASN B 152 -4.81 11.31 34.14
CA ASN B 152 -5.75 11.77 33.13
C ASN B 152 -5.78 13.28 33.33
N GLY B 153 -5.43 14.04 32.29
CA GLY B 153 -5.40 15.49 32.38
C GLY B 153 -6.69 16.15 32.84
N ALA B 154 -7.82 15.58 32.45
CA ALA B 154 -9.12 16.15 32.84
C ALA B 154 -9.33 16.02 34.35
N GLU B 155 -8.84 14.94 34.93
CA GLU B 155 -8.97 14.71 36.36
C GLU B 155 -7.90 15.47 37.14
N TYR B 156 -6.71 15.58 36.57
CA TYR B 156 -5.60 16.27 37.21
C TYR B 156 -5.78 17.78 37.32
N VAL B 157 -6.20 18.42 36.23
CA VAL B 157 -6.36 19.87 36.24
C VAL B 157 -7.40 20.39 37.23
N ARG B 158 -8.46 19.61 37.47
CA ARG B 158 -9.50 20.05 38.39
C ARG B 158 -9.09 20.08 39.86
N LYS B 159 -7.88 19.61 40.15
CA LYS B 159 -7.35 19.62 41.51
C LYS B 159 -6.77 20.99 41.85
N PHE B 160 -6.60 21.83 40.83
CA PHE B 160 -6.01 23.14 41.01
C PHE B 160 -6.93 24.33 40.76
N LYS B 161 -6.70 25.39 41.52
CA LYS B 161 -7.47 26.62 41.41
C LYS B 161 -6.50 27.81 41.55
N ASN B 162 -6.53 28.72 40.58
CA ASN B 162 -5.68 29.92 40.62
C ASN B 162 -4.23 29.53 40.86
N GLU B 163 -3.74 28.56 40.10
CA GLU B 163 -2.40 28.02 40.27
C GLU B 163 -1.42 28.22 39.12
N PHE B 164 -1.88 28.04 37.89
CA PHE B 164 -0.99 28.14 36.74
C PHE B 164 -1.03 29.44 35.96
N ASP B 165 0.10 29.76 35.32
CA ASP B 165 0.22 30.95 34.50
C ASP B 165 -0.13 30.58 33.05
N VAL B 166 0.22 29.36 32.67
CA VAL B 166 -0.01 28.87 31.31
C VAL B 166 -0.43 27.41 31.30
N ILE B 167 -1.44 27.09 30.49
CA ILE B 167 -1.91 25.71 30.33
C ILE B 167 -1.92 25.43 28.83
N ILE B 168 -1.26 24.34 28.45
CA ILE B 168 -1.14 23.93 27.05
C ILE B 168 -1.68 22.52 26.87
N ILE B 169 -2.58 22.33 25.91
CA ILE B 169 -3.15 21.02 25.63
C ILE B 169 -2.53 20.48 24.34
N ASP B 170 -1.70 19.44 24.47
CA ASP B 170 -1.01 18.80 23.36
C ASP B 170 -1.91 17.70 22.77
N SER B 171 -1.43 16.93 21.79
CA SER B 171 -2.27 15.91 21.14
C SER B 171 -2.00 14.42 21.31
N THR B 172 -1.06 14.04 22.18
CA THR B 172 -0.75 12.62 22.35
C THR B 172 -1.66 11.79 23.25
N ASP B 173 -2.56 12.44 23.99
CA ASP B 173 -3.45 11.71 24.89
C ASP B 173 -4.87 11.50 24.37
N PRO B 174 -5.28 10.22 24.24
CA PRO B 174 -6.60 9.83 23.76
C PRO B 174 -7.61 9.83 24.91
N THR B 175 -8.90 9.78 24.58
CA THR B 175 -9.95 9.76 25.60
C THR B 175 -11.29 9.32 25.03
N ALA B 176 -11.26 8.79 23.81
CA ALA B 176 -12.46 8.31 23.11
C ALA B 176 -13.48 9.42 22.90
N HIS B 181 -12.46 13.46 26.73
CA HIS B 181 -12.45 14.03 28.07
C HIS B 181 -11.65 15.33 28.11
N LEU B 182 -10.63 15.43 27.26
CA LEU B 182 -9.79 16.61 27.19
C LEU B 182 -10.33 17.65 26.20
N PHE B 183 -11.62 17.57 25.91
CA PHE B 183 -12.23 18.49 24.97
C PHE B 183 -13.68 18.88 25.27
N THR B 184 -14.10 18.72 26.53
CA THR B 184 -15.47 19.07 26.93
C THR B 184 -15.48 20.49 27.49
N GLU B 185 -16.64 21.13 27.50
CA GLU B 185 -16.75 22.49 28.03
C GLU B 185 -16.32 22.52 29.51
N GLU B 186 -16.67 21.47 30.25
CA GLU B 186 -16.30 21.41 31.66
C GLU B 186 -14.79 21.27 31.84
N PHE B 187 -14.13 20.59 30.90
CA PHE B 187 -12.68 20.44 30.97
C PHE B 187 -12.04 21.81 30.76
N TYR B 188 -12.52 22.55 29.76
CA TYR B 188 -11.97 23.87 29.51
C TYR B 188 -12.26 24.81 30.67
N GLN B 189 -13.40 24.62 31.33
CA GLN B 189 -13.75 25.45 32.48
C GLN B 189 -12.80 25.13 33.64
N ALA B 190 -12.41 23.86 33.76
CA ALA B 190 -11.47 23.43 34.79
C ALA B 190 -10.12 24.07 34.52
N CYS B 191 -9.76 24.15 33.23
CA CYS B 191 -8.50 24.78 32.86
C CYS B 191 -8.55 26.27 33.20
N TYR B 192 -9.68 26.89 32.92
CA TYR B 192 -9.88 28.31 33.21
C TYR B 192 -9.72 28.55 34.72
N ASP B 193 -10.39 27.73 35.52
CA ASP B 193 -10.35 27.86 36.97
C ASP B 193 -8.97 27.56 37.57
N ALA B 194 -8.19 26.72 36.89
CA ALA B 194 -6.86 26.36 37.36
C ALA B 194 -5.83 27.44 37.06
N LEU B 195 -6.14 28.31 36.11
CA LEU B 195 -5.28 29.42 35.72
C LEU B 195 -5.45 30.60 36.66
N LYS B 196 -4.40 31.42 36.76
CA LYS B 196 -4.44 32.62 37.58
C LYS B 196 -5.26 33.68 36.83
N GLU B 197 -5.46 34.84 37.45
CA GLU B 197 -6.25 35.92 36.85
C GLU B 197 -5.78 36.38 35.47
N ASP B 198 -4.47 36.35 35.25
CA ASP B 198 -3.90 36.77 33.98
C ASP B 198 -3.29 35.61 33.21
N GLY B 199 -3.81 34.41 33.46
CA GLY B 199 -3.30 33.22 32.79
C GLY B 199 -3.65 33.12 31.31
N VAL B 200 -2.83 32.35 30.59
CA VAL B 200 -3.04 32.13 29.16
C VAL B 200 -3.15 30.64 28.87
N PHE B 201 -3.61 30.32 27.66
CA PHE B 201 -3.89 28.94 27.28
C PHE B 201 -3.73 28.71 25.78
N SER B 202 -3.34 27.50 25.42
CA SER B 202 -3.26 27.13 24.00
C SER B 202 -3.59 25.65 23.90
N ALA B 203 -4.33 25.28 22.87
CA ALA B 203 -4.68 23.89 22.66
C ALA B 203 -4.54 23.60 21.19
N GLU B 204 -3.98 22.44 20.85
CA GLU B 204 -3.88 22.08 19.44
C GLU B 204 -5.32 21.72 19.03
N THR B 205 -5.80 22.32 17.93
CA THR B 205 -7.17 22.05 17.52
C THR B 205 -7.34 21.40 16.14
N GLU B 206 -6.25 20.79 15.69
CA GLU B 206 -6.18 20.03 14.45
C GLU B 206 -6.45 20.71 13.12
N ASP B 207 -6.54 19.91 12.06
CA ASP B 207 -6.74 20.43 10.71
C ASP B 207 -8.19 20.72 10.34
N PRO B 208 -8.45 21.92 9.83
CA PRO B 208 -9.81 22.30 9.41
C PRO B 208 -10.06 21.77 8.00
N PHE B 209 -9.80 20.48 7.82
CA PHE B 209 -9.97 19.80 6.53
C PHE B 209 -10.57 18.43 6.82
N TYR B 210 -9.74 17.43 7.08
CA TYR B 210 -10.25 16.09 7.40
C TYR B 210 -10.93 16.04 8.76
N ASP B 211 -10.48 16.91 9.66
CA ASP B 211 -11.01 16.95 11.02
C ASP B 211 -11.78 18.21 11.34
N ILE B 212 -12.50 18.71 10.34
CA ILE B 212 -13.31 19.94 10.45
C ILE B 212 -14.37 19.86 11.56
N GLY B 213 -14.98 18.69 11.71
CA GLY B 213 -16.00 18.51 12.74
C GLY B 213 -15.46 18.74 14.14
N TRP B 214 -14.31 18.17 14.44
CA TRP B 214 -13.71 18.34 15.76
C TRP B 214 -13.19 19.77 15.94
N PHE B 215 -12.63 20.33 14.87
CA PHE B 215 -12.11 21.69 14.88
C PHE B 215 -13.19 22.68 15.32
N LYS B 216 -14.36 22.57 14.71
CA LYS B 216 -15.48 23.46 15.04
C LYS B 216 -15.96 23.26 16.47
N LEU B 217 -16.03 22.00 16.90
CA LEU B 217 -16.48 21.67 18.24
C LEU B 217 -15.53 22.22 19.31
N ALA B 218 -14.23 22.07 19.09
CA ALA B 218 -13.24 22.57 20.04
C ALA B 218 -13.30 24.08 20.16
N TYR B 219 -13.37 24.77 19.03
CA TYR B 219 -13.45 26.23 19.05
C TYR B 219 -14.69 26.70 19.81
N ARG B 220 -15.84 26.08 19.51
CA ARG B 220 -17.09 26.45 20.15
C ARG B 220 -17.01 26.29 21.66
N ARG B 221 -16.51 25.14 22.12
CA ARG B 221 -16.40 24.87 23.54
C ARG B 221 -15.41 25.76 24.28
N ILE B 222 -14.25 26.00 23.67
CA ILE B 222 -13.27 26.88 24.29
C ILE B 222 -13.81 28.31 24.37
N SER B 223 -14.48 28.75 23.30
CA SER B 223 -15.04 30.09 23.24
C SER B 223 -16.14 30.34 24.26
N LYS B 224 -16.80 29.28 24.73
CA LYS B 224 -17.86 29.43 25.73
C LYS B 224 -17.28 29.63 27.13
N VAL B 225 -15.97 29.42 27.27
CA VAL B 225 -15.30 29.55 28.56
C VAL B 225 -14.33 30.73 28.65
N PHE B 226 -13.48 30.89 27.65
CA PHE B 226 -12.50 31.97 27.63
C PHE B 226 -12.98 33.19 26.87
N PRO B 227 -12.93 34.39 27.50
CA PRO B 227 -13.37 35.63 26.86
C PRO B 227 -12.59 35.89 25.57
N ILE B 228 -11.29 35.60 25.62
CA ILE B 228 -10.42 35.76 24.46
C ILE B 228 -10.15 34.34 23.97
N THR B 229 -10.66 34.03 22.77
CA THR B 229 -10.46 32.73 22.12
C THR B 229 -10.15 33.07 20.65
N ARG B 230 -8.92 32.76 20.23
CA ARG B 230 -8.47 33.08 18.88
C ARG B 230 -7.72 31.91 18.25
N VAL B 231 -8.15 31.54 17.05
CA VAL B 231 -7.51 30.45 16.33
C VAL B 231 -6.30 30.97 15.55
N TYR B 232 -5.21 30.21 15.58
CA TYR B 232 -4.03 30.54 14.81
C TYR B 232 -3.61 29.30 14.03
N LEU B 233 -2.93 29.51 12.91
CA LEU B 233 -2.55 28.41 12.03
C LEU B 233 -1.05 28.28 11.82
N GLY B 234 -0.63 27.05 11.55
CA GLY B 234 0.78 26.82 11.29
C GLY B 234 0.98 25.63 10.38
N PHE B 235 2.09 25.63 9.66
CA PHE B 235 2.42 24.50 8.80
C PHE B 235 2.89 23.35 9.68
N MET B 236 2.55 22.14 9.28
CA MET B 236 2.95 20.93 10.00
C MET B 236 3.05 19.93 8.88
N THR B 237 4.27 19.84 8.35
CA THR B 237 4.58 19.03 7.18
C THR B 237 4.30 17.54 7.16
N THR B 238 4.03 16.94 8.32
CA THR B 238 3.70 15.51 8.35
C THR B 238 2.39 15.18 9.05
N TYR B 239 1.62 16.21 9.40
CA TYR B 239 0.30 16.00 10.02
C TYR B 239 -0.75 16.03 8.90
N PRO B 240 -1.91 15.40 9.12
CA PRO B 240 -2.97 15.37 8.09
C PRO B 240 -3.33 16.73 7.49
N SER B 241 -3.15 16.84 6.17
CA SER B 241 -3.43 18.04 5.35
C SER B 241 -2.31 19.07 5.37
N GLY B 242 -1.46 19.03 6.39
CA GLY B 242 -0.38 19.99 6.50
C GLY B 242 -0.81 21.35 7.03
N MET B 243 -2.11 21.53 7.24
CA MET B 243 -2.65 22.79 7.76
C MET B 243 -3.12 22.52 9.18
N TRP B 244 -2.34 22.96 10.17
CA TRP B 244 -2.70 22.71 11.55
C TRP B 244 -3.21 23.96 12.26
N SER B 245 -4.20 23.76 13.12
CA SER B 245 -4.76 24.88 13.87
C SER B 245 -4.47 24.72 15.36
N TYR B 246 -4.40 25.87 16.03
CA TYR B 246 -4.16 25.94 17.45
C TYR B 246 -5.14 27.00 17.93
N THR B 247 -5.57 26.90 19.18
CA THR B 247 -6.48 27.90 19.71
C THR B 247 -5.89 28.56 20.94
N PHE B 248 -5.61 29.86 20.83
CA PHE B 248 -5.09 30.63 21.95
C PHE B 248 -6.28 31.14 22.75
N ALA B 249 -6.15 31.13 24.06
CA ALA B 249 -7.23 31.63 24.89
C ALA B 249 -6.68 32.31 26.13
N SER B 250 -7.43 33.28 26.66
CA SER B 250 -6.97 34.00 27.84
C SER B 250 -8.15 34.66 28.55
N LYS B 251 -7.84 35.34 29.64
CA LYS B 251 -8.85 36.04 30.42
C LYS B 251 -8.83 37.54 30.13
N GLY B 252 -8.03 37.94 29.14
CA GLY B 252 -7.95 39.34 28.78
C GLY B 252 -6.83 39.68 27.82
N ILE B 253 -5.71 38.98 27.93
CA ILE B 253 -4.55 39.23 27.06
C ILE B 253 -4.90 38.94 25.60
N ASP B 254 -4.74 39.95 24.74
CA ASP B 254 -5.03 39.83 23.32
C ASP B 254 -3.76 39.35 22.61
N PRO B 255 -3.88 38.31 21.78
CA PRO B 255 -2.71 37.76 21.08
C PRO B 255 -2.00 38.69 20.09
N ILE B 256 -2.70 39.73 19.66
CA ILE B 256 -2.12 40.70 18.73
C ILE B 256 -1.83 42.02 19.42
N LYS B 257 -2.85 42.59 20.06
CA LYS B 257 -2.72 43.88 20.74
C LYS B 257 -1.75 43.88 21.92
N ASP B 258 -1.62 42.75 22.60
CA ASP B 258 -0.71 42.66 23.74
C ASP B 258 0.60 41.91 23.45
N PHE B 259 0.91 41.75 22.16
CA PHE B 259 2.13 41.07 21.75
C PHE B 259 3.30 42.06 21.72
N ASP B 260 4.42 41.64 22.29
CA ASP B 260 5.63 42.46 22.31
C ASP B 260 6.70 41.76 21.45
N PRO B 261 6.88 42.21 20.19
CA PRO B 261 7.86 41.63 19.27
C PRO B 261 9.29 41.63 19.82
N GLU B 262 9.62 42.62 20.64
CA GLU B 262 10.95 42.71 21.22
C GLU B 262 11.33 41.53 22.10
N LYS B 263 10.35 40.93 22.77
CA LYS B 263 10.61 39.77 23.62
C LYS B 263 11.13 38.63 22.76
N VAL B 264 10.57 38.51 21.56
CA VAL B 264 10.96 37.45 20.62
C VAL B 264 12.29 37.78 19.96
N ARG B 265 12.46 39.03 19.55
CA ARG B 265 13.69 39.45 18.89
C ARG B 265 14.91 39.28 19.79
N LYS B 266 14.72 39.54 21.09
CA LYS B 266 15.81 39.42 22.06
C LYS B 266 15.91 38.06 22.74
N PHE B 267 15.10 37.10 22.32
CA PHE B 267 15.10 35.76 22.90
C PHE B 267 16.48 35.11 22.79
N ASN B 268 16.96 34.54 23.90
CA ASN B 268 18.28 33.92 23.95
C ASN B 268 18.38 32.44 23.58
N LYS B 269 17.31 31.88 23.04
CA LYS B 269 17.31 30.47 22.66
C LYS B 269 17.01 30.27 21.18
N GLU B 270 17.32 29.08 20.68
CA GLU B 270 17.10 28.75 19.28
C GLU B 270 15.64 28.53 18.91
N LEU B 271 15.22 29.12 17.80
CA LEU B 271 13.88 28.97 17.27
C LEU B 271 14.03 28.66 15.78
N LYS B 272 13.50 27.53 15.35
CA LYS B 272 13.61 27.13 13.95
C LYS B 272 12.39 27.49 13.10
N TYR B 273 11.28 27.87 13.75
CA TYR B 273 10.07 28.23 13.03
C TYR B 273 9.53 29.58 13.48
N TYR B 274 9.15 29.64 14.75
CA TYR B 274 8.55 30.84 15.35
C TYR B 274 9.42 32.10 15.35
N ASN B 275 8.79 33.21 15.02
CA ASN B 275 9.41 34.53 15.04
C ASN B 275 8.31 35.57 15.17
N GLU B 276 8.67 36.84 15.34
CA GLU B 276 7.66 37.89 15.54
C GLU B 276 6.67 38.09 14.40
N GLU B 277 7.11 37.97 13.15
CA GLU B 277 6.22 38.15 12.01
C GLU B 277 5.27 36.96 11.91
N VAL B 278 5.79 35.77 12.17
CA VAL B 278 4.98 34.55 12.12
C VAL B 278 3.92 34.54 13.22
N HIS B 279 4.26 35.09 14.38
CA HIS B 279 3.29 35.14 15.49
C HIS B 279 2.03 35.87 15.03
N VAL B 280 2.21 37.08 14.52
CA VAL B 280 1.09 37.88 14.06
C VAL B 280 0.38 37.27 12.84
N ALA B 281 1.17 36.81 11.88
CA ALA B 281 0.62 36.21 10.66
C ALA B 281 -0.22 34.96 10.89
N SER B 282 0.15 34.18 11.90
CA SER B 282 -0.57 32.93 12.18
C SER B 282 -2.04 33.13 12.53
N PHE B 283 -2.39 34.34 12.95
CA PHE B 283 -3.78 34.64 13.30
C PHE B 283 -4.66 35.05 12.13
N ALA B 284 -4.07 35.18 10.94
CA ALA B 284 -4.82 35.53 9.74
C ALA B 284 -5.43 34.24 9.21
N LEU B 285 -6.76 34.18 9.19
CA LEU B 285 -7.46 32.99 8.75
C LEU B 285 -8.04 33.10 7.35
N PRO B 286 -7.83 32.07 6.51
CA PRO B 286 -8.37 32.09 5.15
C PRO B 286 -9.90 32.11 5.24
N ASN B 287 -10.55 32.58 4.18
CA ASN B 287 -12.01 32.69 4.19
C ASN B 287 -12.77 31.42 4.56
N PHE B 288 -12.35 30.27 4.04
CA PHE B 288 -13.07 29.03 4.34
C PHE B 288 -13.03 28.67 5.82
N VAL B 289 -11.96 29.03 6.50
CA VAL B 289 -11.84 28.76 7.94
C VAL B 289 -12.76 29.72 8.69
N LYS B 290 -12.77 30.99 8.27
CA LYS B 290 -13.62 31.99 8.90
C LYS B 290 -15.09 31.59 8.76
N LYS B 291 -15.44 31.05 7.61
CA LYS B 291 -16.82 30.62 7.35
C LYS B 291 -17.21 29.48 8.27
N GLU B 292 -16.30 28.52 8.46
CA GLU B 292 -16.56 27.37 9.32
C GLU B 292 -16.76 27.76 10.78
N LEU B 293 -16.10 28.83 11.21
CA LEU B 293 -16.19 29.31 12.58
C LEU B 293 -17.25 30.39 12.77
N GLY B 294 -17.88 30.81 11.67
CA GLY B 294 -18.90 31.84 11.73
C GLY B 294 -18.35 33.25 11.87
N LEU B 295 -17.07 33.41 11.53
CA LEU B 295 -16.40 34.72 11.61
C LEU B 295 -16.47 35.48 10.30
N MET B 296 -17.45 35.14 9.47
CA MET B 296 -17.68 35.79 8.17
C MET B 296 -16.47 35.69 7.24
N LEU C 4 -27.01 -3.52 -19.09
CA LEU C 4 -26.05 -2.93 -18.16
C LEU C 4 -26.61 -1.71 -17.44
N LYS C 5 -26.92 -0.66 -18.21
CA LYS C 5 -27.46 0.59 -17.68
C LYS C 5 -28.67 0.37 -16.77
N GLU C 6 -29.56 -0.51 -17.18
CA GLU C 6 -30.78 -0.82 -16.42
C GLU C 6 -30.49 -1.55 -15.10
N LEU C 7 -29.37 -2.26 -15.04
CA LEU C 7 -28.98 -3.01 -13.85
C LEU C 7 -28.00 -2.26 -12.95
N GLU C 8 -27.44 -1.18 -13.47
CA GLU C 8 -26.47 -0.38 -12.72
C GLU C 8 -27.08 0.50 -11.63
N ARG C 9 -26.40 0.55 -10.49
CA ARG C 9 -26.82 1.35 -9.35
C ARG C 9 -25.66 2.27 -8.98
N GLU C 10 -25.86 3.13 -7.98
CA GLU C 10 -24.81 4.06 -7.56
C GLU C 10 -23.58 3.28 -7.09
N LEU C 11 -22.43 3.59 -7.68
CA LEU C 11 -21.16 2.94 -7.35
C LEU C 11 -20.67 3.34 -5.97
N GLN C 12 -20.47 2.35 -5.09
CA GLN C 12 -20.00 2.57 -3.73
C GLN C 12 -18.54 2.18 -3.59
N PRO C 13 -17.75 3.01 -2.89
CA PRO C 13 -16.32 2.72 -2.69
C PRO C 13 -16.04 1.59 -1.70
N ARG C 14 -14.97 0.85 -1.98
CA ARG C 14 -14.54 -0.24 -1.12
C ARG C 14 -13.09 0.01 -0.76
N GLN C 15 -12.36 -1.03 -0.37
CA GLN C 15 -10.96 -0.85 0.02
C GLN C 15 -9.96 -1.51 -0.92
N HIS C 16 -10.36 -1.70 -2.17
CA HIS C 16 -9.49 -2.37 -3.14
C HIS C 16 -8.78 -1.55 -4.21
N LEU C 17 -9.25 -0.33 -4.48
CA LEU C 17 -8.63 0.52 -5.50
C LEU C 17 -7.93 1.72 -4.88
N TRP C 18 -6.66 1.89 -5.24
CA TRP C 18 -5.86 2.97 -4.68
C TRP C 18 -4.93 3.68 -5.65
N TYR C 19 -4.69 4.94 -5.34
CA TYR C 19 -3.77 5.79 -6.08
C TYR C 19 -2.65 6.13 -5.09
N PHE C 20 -1.41 5.86 -5.47
CA PHE C 20 -0.25 6.14 -4.63
C PHE C 20 0.64 7.20 -5.29
N GLU C 21 0.89 8.29 -4.57
CA GLU C 21 1.73 9.37 -5.06
C GLU C 21 3.01 9.40 -4.24
N TYR C 22 4.14 9.33 -4.91
CA TYR C 22 5.44 9.37 -4.23
C TYR C 22 6.00 10.77 -4.24
N TYR C 23 6.52 11.20 -3.11
CA TYR C 23 7.13 12.52 -2.99
C TYR C 23 8.60 12.41 -3.39
N THR C 24 9.24 13.55 -3.62
CA THR C 24 10.66 13.58 -3.97
C THR C 24 11.45 12.82 -2.91
N GLY C 25 12.27 11.88 -3.37
CA GLY C 25 13.07 11.07 -2.47
C GLY C 25 12.51 9.65 -2.38
N ASN C 26 11.22 9.51 -2.72
CA ASN C 26 10.52 8.23 -2.71
C ASN C 26 10.44 7.51 -1.35
N ASN C 27 10.56 8.26 -0.26
CA ASN C 27 10.51 7.68 1.07
C ASN C 27 9.20 7.98 1.79
N VAL C 28 8.42 8.91 1.24
CA VAL C 28 7.15 9.32 1.80
C VAL C 28 6.22 9.62 0.64
N GLY C 29 4.91 9.46 0.87
CA GLY C 29 3.94 9.74 -0.17
C GLY C 29 2.52 9.77 0.37
N LEU C 30 1.58 10.03 -0.54
CA LEU C 30 0.17 10.09 -0.19
C LEU C 30 -0.60 9.03 -0.95
N PHE C 31 -1.57 8.41 -0.30
CA PHE C 31 -2.42 7.43 -0.96
C PHE C 31 -3.87 7.88 -0.87
N MET C 32 -4.63 7.60 -1.93
CA MET C 32 -6.03 7.98 -2.00
C MET C 32 -6.86 6.84 -2.53
N LYS C 33 -8.02 6.63 -1.91
CA LYS C 33 -8.95 5.61 -2.33
C LYS C 33 -9.62 6.08 -3.63
N MET C 34 -9.86 5.16 -4.55
CA MET C 34 -10.52 5.51 -5.81
C MET C 34 -11.87 4.82 -5.91
N ASN C 35 -12.95 5.60 -6.00
CA ASN C 35 -14.26 4.98 -6.16
C ASN C 35 -14.38 4.55 -7.62
N ARG C 36 -13.80 5.34 -8.51
CA ARG C 36 -13.81 5.03 -9.93
C ARG C 36 -12.79 5.88 -10.67
N VAL C 37 -12.31 5.35 -11.79
CA VAL C 37 -11.36 6.06 -12.64
C VAL C 37 -12.19 6.66 -13.77
N ILE C 38 -12.19 7.98 -13.83
CA ILE C 38 -12.96 8.73 -14.82
C ILE C 38 -12.30 8.77 -16.20
N TYR C 39 -10.98 8.96 -16.22
CA TYR C 39 -10.23 9.01 -17.46
C TYR C 39 -8.76 8.73 -17.25
N SER C 40 -8.20 7.98 -18.18
CA SER C 40 -6.79 7.65 -18.20
C SER C 40 -6.36 7.83 -19.64
N GLY C 41 -5.40 8.73 -19.86
CA GLY C 41 -4.93 8.98 -21.21
C GLY C 41 -3.45 9.20 -21.25
N GLN C 42 -2.86 8.98 -22.42
CA GLN C 42 -1.43 9.14 -22.61
C GLN C 42 -1.18 10.01 -23.83
N SER C 43 -0.46 11.12 -23.64
CA SER C 43 -0.13 11.99 -24.75
C SER C 43 1.31 11.69 -25.11
N ASP C 44 1.87 12.44 -26.06
CA ASP C 44 3.26 12.24 -26.45
C ASP C 44 4.19 12.83 -25.39
N ILE C 45 3.61 13.53 -24.41
CA ILE C 45 4.37 14.18 -23.36
C ILE C 45 4.25 13.52 -21.98
N GLN C 46 3.03 13.15 -21.59
CA GLN C 46 2.82 12.58 -20.27
C GLN C 46 1.52 11.78 -20.15
N ARG C 47 1.36 11.14 -18.98
CA ARG C 47 0.16 10.37 -18.69
C ARG C 47 -0.77 11.17 -17.78
N ILE C 48 -2.05 11.12 -18.10
CA ILE C 48 -3.09 11.81 -17.36
C ILE C 48 -4.00 10.78 -16.70
N ASP C 49 -4.31 10.99 -15.42
CA ASP C 49 -5.23 10.13 -14.70
C ASP C 49 -6.17 11.01 -13.91
N ILE C 50 -7.47 10.78 -14.10
CA ILE C 50 -8.49 11.53 -13.41
C ILE C 50 -9.41 10.51 -12.76
N PHE C 51 -9.56 10.61 -11.44
CA PHE C 51 -10.39 9.66 -10.71
C PHE C 51 -11.20 10.35 -9.63
N GLU C 52 -12.11 9.59 -9.02
CA GLU C 52 -12.98 10.11 -7.97
C GLU C 52 -12.61 9.53 -6.61
N ASN C 53 -12.40 10.41 -5.63
CA ASN C 53 -12.07 10.01 -4.26
C ASN C 53 -13.27 10.44 -3.41
N PRO C 54 -13.71 9.58 -2.47
CA PRO C 54 -14.87 9.91 -1.62
C PRO C 54 -14.80 11.23 -0.87
N ASP C 55 -13.60 11.63 -0.43
CA ASP C 55 -13.45 12.87 0.31
C ASP C 55 -13.02 14.08 -0.51
N LEU C 56 -12.08 13.86 -1.44
CA LEU C 56 -11.54 14.93 -2.27
C LEU C 56 -12.29 15.23 -3.56
N GLY C 57 -13.15 14.31 -3.97
CA GLY C 57 -13.90 14.49 -5.21
C GLY C 57 -13.03 14.11 -6.40
N VAL C 58 -13.17 14.85 -7.49
CA VAL C 58 -12.37 14.57 -8.69
C VAL C 58 -10.92 14.98 -8.48
N VAL C 59 -10.03 14.04 -8.74
CA VAL C 59 -8.58 14.24 -8.60
C VAL C 59 -7.93 14.09 -9.96
N PHE C 60 -7.05 15.03 -10.28
CA PHE C 60 -6.32 15.05 -11.55
C PHE C 60 -4.83 14.89 -11.28
N ALA C 61 -4.24 13.85 -11.87
CA ALA C 61 -2.82 13.59 -11.71
C ALA C 61 -2.09 13.48 -13.05
N LEU C 62 -0.86 13.96 -13.07
CA LEU C 62 -0.01 13.89 -14.26
C LEU C 62 1.23 13.09 -13.87
N ASP C 63 1.45 11.98 -14.57
CA ASP C 63 2.58 11.10 -14.31
C ASP C 63 2.69 10.72 -12.82
N GLY C 64 1.53 10.47 -12.21
CA GLY C 64 1.49 10.07 -10.82
C GLY C 64 1.73 11.17 -9.80
N ILE C 65 1.57 12.43 -10.22
CA ILE C 65 1.77 13.58 -9.35
C ILE C 65 0.44 14.33 -9.29
N THR C 66 -0.08 14.54 -8.09
CA THR C 66 -1.36 15.21 -7.91
C THR C 66 -1.29 16.67 -8.35
N MET C 67 -2.14 17.04 -9.30
CA MET C 67 -2.17 18.41 -9.81
C MET C 67 -3.32 19.21 -9.21
N THR C 68 -4.51 18.64 -9.21
CA THR C 68 -5.68 19.31 -8.63
C THR C 68 -6.62 18.32 -7.98
N THR C 69 -7.36 18.83 -7.00
CA THR C 69 -8.34 18.09 -6.25
C THR C 69 -9.53 19.06 -6.16
N GLU C 70 -10.75 18.56 -6.36
CA GLU C 70 -11.92 19.44 -6.31
C GLU C 70 -12.14 20.11 -4.97
N LYS C 71 -11.82 19.39 -3.90
CA LYS C 71 -12.03 19.93 -2.56
C LYS C 71 -11.12 21.08 -2.16
N ASP C 72 -9.91 21.13 -2.69
CA ASP C 72 -8.99 22.18 -2.27
C ASP C 72 -8.20 22.97 -3.29
N GLU C 73 -8.45 22.74 -4.59
CA GLU C 73 -7.69 23.47 -5.60
C GLU C 73 -7.78 24.99 -5.44
N PHE C 74 -8.86 25.48 -4.85
CA PHE C 74 -9.03 26.91 -4.65
C PHE C 74 -7.90 27.56 -3.84
N MET C 75 -7.33 26.82 -2.90
CA MET C 75 -6.26 27.34 -2.05
C MET C 75 -5.03 27.73 -2.85
N TYR C 76 -4.68 26.87 -3.80
CA TYR C 76 -3.53 27.07 -4.66
C TYR C 76 -3.79 28.13 -5.73
N HIS C 77 -4.88 27.98 -6.46
CA HIS C 77 -5.19 28.92 -7.52
C HIS C 77 -5.42 30.36 -7.05
N GLU C 78 -6.04 30.53 -5.88
CA GLU C 78 -6.27 31.88 -5.37
C GLU C 78 -4.99 32.56 -4.93
N MET C 79 -4.08 31.82 -4.31
CA MET C 79 -2.83 32.44 -3.87
C MET C 79 -1.89 32.74 -5.02
N LEU C 80 -1.87 31.86 -6.02
CA LEU C 80 -1.00 32.07 -7.16
C LEU C 80 -1.47 33.24 -8.00
N ALA C 81 -2.79 33.40 -8.14
CA ALA C 81 -3.34 34.46 -8.97
C ALA C 81 -3.63 35.80 -8.32
N HIS C 82 -4.32 35.79 -7.18
CA HIS C 82 -4.72 37.04 -6.56
C HIS C 82 -3.67 37.95 -5.97
N VAL C 83 -2.57 37.38 -5.50
CA VAL C 83 -1.50 38.20 -4.96
C VAL C 83 -0.98 39.17 -6.03
N PRO C 84 -0.55 38.67 -7.21
CA PRO C 84 -0.06 39.61 -8.22
C PRO C 84 -1.17 40.45 -8.87
N MET C 85 -2.36 39.87 -9.03
CA MET C 85 -3.46 40.61 -9.65
C MET C 85 -3.89 41.85 -8.85
N PHE C 86 -4.02 41.70 -7.54
CA PHE C 86 -4.41 42.82 -6.70
C PHE C 86 -3.29 43.85 -6.50
N LEU C 87 -2.05 43.43 -6.70
CA LEU C 87 -0.91 44.34 -6.55
C LEU C 87 -0.69 45.22 -7.78
N HIS C 88 -1.15 44.76 -8.93
CA HIS C 88 -1.00 45.55 -10.15
C HIS C 88 -2.04 46.68 -10.15
N PRO C 89 -1.65 47.88 -10.62
CA PRO C 89 -2.54 49.05 -10.67
C PRO C 89 -3.79 48.88 -11.52
N ASN C 90 -3.66 48.20 -12.67
CA ASN C 90 -4.78 47.98 -13.59
C ASN C 90 -4.38 46.88 -14.56
N PRO C 91 -4.46 45.61 -14.12
CA PRO C 91 -4.10 44.47 -14.96
C PRO C 91 -5.07 44.18 -16.09
N LYS C 92 -4.65 44.49 -17.31
CA LYS C 92 -5.48 44.29 -18.49
C LYS C 92 -5.08 43.10 -19.35
N LYS C 93 -3.77 42.87 -19.47
CA LYS C 93 -3.25 41.75 -20.27
C LYS C 93 -2.45 40.81 -19.39
N VAL C 94 -2.92 39.58 -19.30
CA VAL C 94 -2.29 38.57 -18.45
C VAL C 94 -1.89 37.31 -19.22
N LEU C 95 -0.70 36.79 -18.92
CA LEU C 95 -0.21 35.57 -19.52
C LEU C 95 0.02 34.53 -18.43
N ILE C 96 -0.61 33.38 -18.57
CA ILE C 96 -0.48 32.27 -17.63
C ILE C 96 0.23 31.13 -18.36
N ILE C 97 1.34 30.69 -17.82
CA ILE C 97 2.09 29.59 -18.41
C ILE C 97 1.90 28.35 -17.54
N GLY C 98 1.41 27.28 -18.16
CA GLY C 98 1.14 26.05 -17.43
C GLY C 98 -0.27 26.10 -16.87
N GLY C 99 -0.61 25.15 -15.99
CA GLY C 99 -1.95 25.14 -15.42
C GLY C 99 -3.05 24.82 -16.41
N GLY C 100 -2.87 23.72 -17.14
CA GLY C 100 -3.85 23.30 -18.14
C GLY C 100 -5.22 22.95 -17.60
N ASP C 101 -5.33 22.82 -16.28
CA ASP C 101 -6.60 22.52 -15.64
C ASP C 101 -7.51 23.75 -15.73
N GLY C 102 -6.90 24.93 -15.80
CA GLY C 102 -7.65 26.17 -15.91
C GLY C 102 -7.94 26.97 -14.65
N GLY C 103 -7.60 26.43 -13.49
CA GLY C 103 -7.89 27.12 -12.23
C GLY C 103 -7.37 28.54 -12.09
N THR C 104 -6.11 28.75 -12.47
CA THR C 104 -5.51 30.07 -12.38
C THR C 104 -6.22 31.03 -13.33
N LEU C 105 -6.55 30.54 -14.53
CA LEU C 105 -7.28 31.36 -15.50
C LEU C 105 -8.62 31.79 -14.90
N ARG C 106 -9.32 30.86 -14.26
CA ARG C 106 -10.60 31.16 -13.64
C ARG C 106 -10.48 32.30 -12.63
N GLU C 107 -9.45 32.26 -11.79
CA GLU C 107 -9.24 33.30 -10.79
C GLU C 107 -8.86 34.64 -11.43
N VAL C 108 -8.01 34.60 -12.44
CA VAL C 108 -7.60 35.82 -13.13
C VAL C 108 -8.79 36.51 -13.76
N LEU C 109 -9.69 35.73 -14.36
CA LEU C 109 -10.88 36.27 -15.01
C LEU C 109 -11.86 36.96 -14.08
N LYS C 110 -11.72 36.73 -12.77
CA LYS C 110 -12.60 37.36 -11.80
C LYS C 110 -12.34 38.87 -11.72
N HIS C 111 -11.15 39.28 -12.17
CA HIS C 111 -10.78 40.69 -12.15
C HIS C 111 -11.34 41.39 -13.39
N ASP C 112 -12.27 42.32 -13.15
CA ASP C 112 -12.93 43.06 -14.22
C ASP C 112 -12.02 43.86 -15.15
N SER C 113 -10.83 44.22 -14.67
CA SER C 113 -9.90 44.99 -15.48
C SER C 113 -9.31 44.16 -16.62
N VAL C 114 -9.29 42.84 -16.46
CA VAL C 114 -8.73 41.96 -17.48
C VAL C 114 -9.48 42.06 -18.80
N GLU C 115 -8.72 42.30 -19.87
CA GLU C 115 -9.26 42.41 -21.22
C GLU C 115 -8.82 41.21 -22.05
N LYS C 116 -7.65 40.67 -21.72
CA LYS C 116 -7.11 39.52 -22.43
C LYS C 116 -6.27 38.68 -21.50
N ALA C 117 -6.60 37.39 -21.42
CA ALA C 117 -5.86 36.45 -20.58
C ALA C 117 -5.49 35.26 -21.45
N ILE C 118 -4.20 35.01 -21.59
CA ILE C 118 -3.71 33.91 -22.41
C ILE C 118 -3.24 32.77 -21.51
N LEU C 119 -3.71 31.56 -21.83
CA LEU C 119 -3.31 30.37 -21.10
C LEU C 119 -2.45 29.55 -22.07
N CYS C 120 -1.17 29.46 -21.76
CA CYS C 120 -0.20 28.73 -22.59
C CYS C 120 0.09 27.37 -21.97
N GLU C 121 -0.46 26.33 -22.58
CA GLU C 121 -0.29 24.94 -22.11
C GLU C 121 0.44 24.15 -23.19
N VAL C 122 1.45 23.38 -22.76
CA VAL C 122 2.23 22.59 -23.71
C VAL C 122 1.54 21.34 -24.25
N ASP C 123 0.65 20.76 -23.45
CA ASP C 123 -0.05 19.54 -23.82
C ASP C 123 -1.53 19.73 -24.16
N GLY C 124 -1.88 19.59 -25.43
CA GLY C 124 -3.25 19.75 -25.85
C GLY C 124 -4.20 18.72 -25.24
N LEU C 125 -3.70 17.54 -24.89
CA LEU C 125 -4.55 16.51 -24.30
C LEU C 125 -5.01 16.94 -22.90
N VAL C 126 -4.19 17.71 -22.19
CA VAL C 126 -4.55 18.21 -20.87
C VAL C 126 -5.75 19.15 -21.01
N ILE C 127 -5.69 20.03 -22.00
CA ILE C 127 -6.79 20.98 -22.24
C ILE C 127 -8.07 20.23 -22.59
N GLU C 128 -7.98 19.25 -23.48
CA GLU C 128 -9.15 18.50 -23.88
C GLU C 128 -9.75 17.69 -22.73
N ALA C 129 -8.88 17.11 -21.89
CA ALA C 129 -9.34 16.34 -20.74
C ALA C 129 -9.98 17.26 -19.70
N ALA C 130 -9.41 18.45 -19.53
CA ALA C 130 -9.93 19.42 -18.56
C ALA C 130 -11.33 19.89 -18.96
N ARG C 131 -11.55 20.09 -20.25
CA ARG C 131 -12.86 20.52 -20.74
C ARG C 131 -13.96 19.53 -20.39
N LYS C 132 -13.66 18.24 -20.57
CA LYS C 132 -14.62 17.19 -20.33
C LYS C 132 -14.76 16.70 -18.90
N TYR C 133 -13.65 16.65 -18.19
CA TYR C 133 -13.65 16.09 -16.83
C TYR C 133 -13.27 16.98 -15.67
N LEU C 134 -12.79 18.18 -15.94
CA LEU C 134 -12.38 19.07 -14.86
C LEU C 134 -13.11 20.41 -14.98
N LYS C 135 -14.43 20.34 -15.09
CA LYS C 135 -15.26 21.52 -15.25
C LYS C 135 -15.16 22.59 -14.16
N GLN C 136 -14.83 22.18 -12.94
CA GLN C 136 -14.71 23.15 -11.85
C GLN C 136 -13.58 24.15 -12.12
N THR C 137 -12.51 23.67 -12.74
CA THR C 137 -11.37 24.52 -13.06
C THR C 137 -11.32 25.03 -14.49
N SER C 138 -11.93 24.31 -15.44
CA SER C 138 -11.89 24.73 -16.84
C SER C 138 -13.03 25.63 -17.29
N CYS C 139 -13.84 26.08 -16.34
CA CYS C 139 -14.99 26.93 -16.64
C CYS C 139 -14.71 28.26 -17.36
N GLY C 140 -13.47 28.74 -17.31
CA GLY C 140 -13.13 29.99 -17.97
C GLY C 140 -12.49 29.88 -19.34
N PHE C 141 -12.30 28.65 -19.81
CA PHE C 141 -11.68 28.40 -21.12
C PHE C 141 -12.33 29.16 -22.28
N ASP C 142 -13.67 29.25 -22.23
CA ASP C 142 -14.41 29.89 -23.30
C ASP C 142 -14.84 31.33 -23.06
N ASP C 143 -14.24 31.99 -22.07
CA ASP C 143 -14.53 33.39 -21.78
C ASP C 143 -14.04 34.15 -23.01
N PRO C 144 -14.82 35.14 -23.49
CA PRO C 144 -14.43 35.91 -24.68
C PRO C 144 -13.04 36.57 -24.55
N ARG C 145 -12.63 36.82 -23.31
CA ARG C 145 -11.34 37.45 -23.03
C ARG C 145 -10.18 36.46 -23.00
N ALA C 146 -10.52 35.18 -22.91
CA ALA C 146 -9.50 34.13 -22.84
C ALA C 146 -9.04 33.57 -24.17
N GLU C 147 -7.76 33.21 -24.23
CA GLU C 147 -7.17 32.62 -25.42
C GLU C 147 -6.28 31.48 -24.95
N ILE C 148 -6.55 30.27 -25.45
CA ILE C 148 -5.74 29.12 -25.10
C ILE C 148 -4.75 28.87 -26.24
N VAL C 149 -3.48 28.77 -25.89
CA VAL C 149 -2.42 28.52 -26.85
C VAL C 149 -1.68 27.25 -26.46
N ILE C 150 -1.50 26.34 -27.41
CA ILE C 150 -0.78 25.11 -27.15
C ILE C 150 0.64 25.32 -27.63
N ALA C 151 1.55 25.55 -26.68
CA ALA C 151 2.94 25.81 -27.00
C ALA C 151 3.83 25.67 -25.76
N ASN C 152 5.14 25.64 -26.00
CA ASN C 152 6.11 25.56 -24.92
C ASN C 152 6.24 26.99 -24.38
N GLY C 153 5.94 27.18 -23.11
CA GLY C 153 6.00 28.49 -22.49
C GLY C 153 7.29 29.29 -22.63
N ALA C 154 8.42 28.61 -22.55
CA ALA C 154 9.72 29.27 -22.66
C ALA C 154 9.95 29.84 -24.06
N GLU C 155 9.40 29.18 -25.07
CA GLU C 155 9.53 29.63 -26.45
C GLU C 155 8.48 30.70 -26.76
N TYR C 156 7.27 30.51 -26.24
CA TYR C 156 6.17 31.44 -26.47
C TYR C 156 6.38 32.82 -25.90
N VAL C 157 6.82 32.90 -24.65
CA VAL C 157 7.03 34.20 -24.00
C VAL C 157 8.08 35.08 -24.70
N ARG C 158 9.04 34.45 -25.37
CA ARG C 158 10.10 35.17 -26.08
C ARG C 158 9.60 35.96 -27.29
N LYS C 159 8.40 35.63 -27.76
CA LYS C 159 7.80 36.31 -28.91
C LYS C 159 7.26 37.68 -28.53
N PHE C 160 7.26 38.00 -27.24
CA PHE C 160 6.72 39.26 -26.76
C PHE C 160 7.71 40.15 -26.01
N LYS C 161 7.48 41.47 -26.14
CA LYS C 161 8.30 42.48 -25.49
C LYS C 161 7.39 43.64 -25.08
N ASN C 162 7.44 44.04 -23.81
CA ASN C 162 6.63 45.16 -23.32
C ASN C 162 5.16 44.96 -23.71
N GLU C 163 4.66 43.76 -23.43
CA GLU C 163 3.30 43.37 -23.81
C GLU C 163 2.31 43.08 -22.68
N PHE C 164 2.77 42.39 -21.64
CA PHE C 164 1.89 42.00 -20.54
C PHE C 164 1.99 42.79 -19.25
N ASP C 165 0.87 42.84 -18.51
CA ASP C 165 0.82 43.50 -17.23
C ASP C 165 1.17 42.51 -16.12
N VAL C 166 0.76 41.25 -16.32
CA VAL C 166 0.98 40.20 -15.35
C VAL C 166 1.35 38.88 -16.03
N ILE C 167 2.35 38.20 -15.48
CA ILE C 167 2.77 36.89 -15.97
C ILE C 167 2.76 35.97 -14.75
N ILE C 168 2.06 34.84 -14.89
CA ILE C 168 1.96 33.86 -13.81
C ILE C 168 2.45 32.51 -14.32
N ILE C 169 3.38 31.89 -13.58
CA ILE C 169 3.90 30.58 -13.96
C ILE C 169 3.33 29.52 -13.04
N ASP C 170 2.37 28.77 -13.57
CA ASP C 170 1.68 27.69 -12.85
C ASP C 170 2.53 26.43 -13.00
N SER C 171 1.95 25.28 -12.67
CA SER C 171 2.64 23.99 -12.76
C SER C 171 3.03 23.66 -14.19
N THR C 172 4.28 23.24 -14.38
CA THR C 172 4.82 22.88 -15.68
C THR C 172 5.94 21.85 -15.53
N ASP C 173 5.79 20.72 -16.21
CA ASP C 173 6.81 19.67 -16.19
C ASP C 173 7.28 19.32 -14.77
N PRO C 174 6.36 18.82 -13.92
CA PRO C 174 6.70 18.46 -12.54
C PRO C 174 7.79 17.39 -12.40
N THR C 175 7.87 16.48 -13.36
CA THR C 175 8.88 15.42 -13.30
C THR C 175 10.30 15.88 -13.61
N ALA C 176 10.44 17.06 -14.23
CA ALA C 176 11.75 17.59 -14.58
C ALA C 176 12.43 18.33 -13.42
N GLY C 177 11.65 18.64 -12.38
CA GLY C 177 12.22 19.32 -11.24
C GLY C 177 12.86 20.67 -11.55
N GLN C 178 13.89 21.00 -10.76
CA GLN C 178 14.60 22.28 -10.89
C GLN C 178 15.34 22.44 -12.21
N GLY C 179 15.53 21.33 -12.93
CA GLY C 179 16.22 21.39 -14.21
C GLY C 179 15.30 21.70 -15.37
N GLY C 180 14.02 21.93 -15.07
CA GLY C 180 13.04 22.24 -16.09
C GLY C 180 13.25 23.55 -16.82
N HIS C 181 12.74 23.62 -18.04
CA HIS C 181 12.87 24.80 -18.89
C HIS C 181 12.20 26.06 -18.36
N LEU C 182 11.23 25.92 -17.47
CA LEU C 182 10.54 27.10 -16.92
C LEU C 182 11.12 27.58 -15.60
N PHE C 183 12.32 27.13 -15.29
CA PHE C 183 12.99 27.52 -14.06
C PHE C 183 14.40 28.06 -14.33
N THR C 184 14.66 28.45 -15.58
CA THR C 184 15.97 28.99 -15.93
C THR C 184 16.01 30.52 -15.85
N GLU C 185 17.19 31.07 -15.66
CA GLU C 185 17.35 32.53 -15.61
C GLU C 185 16.96 33.13 -16.96
N GLU C 186 17.28 32.43 -18.04
CA GLU C 186 16.95 32.88 -19.39
C GLU C 186 15.43 33.04 -19.54
N PHE C 187 14.68 32.07 -19.01
CA PHE C 187 13.23 32.12 -19.08
C PHE C 187 12.69 33.28 -18.26
N TYR C 188 13.21 33.44 -17.03
CA TYR C 188 12.75 34.54 -16.18
C TYR C 188 13.06 35.90 -16.81
N GLN C 189 14.18 35.98 -17.51
CA GLN C 189 14.57 37.23 -18.17
C GLN C 189 13.61 37.50 -19.33
N ALA C 190 13.18 36.44 -20.01
CA ALA C 190 12.23 36.58 -21.11
C ALA C 190 10.89 37.06 -20.57
N CYS C 191 10.55 36.62 -19.37
CA CYS C 191 9.29 37.05 -18.73
C CYS C 191 9.40 38.52 -18.39
N TYR C 192 10.54 38.91 -17.82
CA TYR C 192 10.81 40.31 -17.47
C TYR C 192 10.66 41.18 -18.72
N ASP C 193 11.29 40.75 -19.81
CA ASP C 193 11.24 41.49 -21.07
C ASP C 193 9.85 41.56 -21.71
N ALA C 194 9.05 40.53 -21.48
CA ALA C 194 7.69 40.47 -22.03
C ALA C 194 6.70 41.34 -21.24
N LEU C 195 7.08 41.68 -20.01
CA LEU C 195 6.26 42.51 -19.15
C LEU C 195 6.46 43.98 -19.47
N LYS C 196 5.44 44.78 -19.17
CA LYS C 196 5.50 46.22 -19.36
C LYS C 196 6.37 46.80 -18.24
N GLU C 197 6.60 48.11 -18.30
CA GLU C 197 7.45 48.81 -17.32
C GLU C 197 7.05 48.65 -15.85
N ASP C 198 5.76 48.48 -15.59
CA ASP C 198 5.26 48.32 -14.23
C ASP C 198 4.61 46.96 -14.03
N GLY C 199 5.05 45.98 -14.81
CA GLY C 199 4.48 44.64 -14.71
C GLY C 199 4.83 43.88 -13.45
N VAL C 200 3.98 42.90 -13.13
CA VAL C 200 4.18 42.05 -11.96
C VAL C 200 4.23 40.59 -12.39
N PHE C 201 4.69 39.74 -11.49
CA PHE C 201 4.91 38.33 -11.78
C PHE C 201 4.75 37.45 -10.56
N SER C 202 4.28 36.23 -10.78
CA SER C 202 4.19 35.25 -9.70
C SER C 202 4.47 33.88 -10.29
N ALA C 203 5.11 33.04 -9.49
CA ALA C 203 5.42 31.68 -9.93
C ALA C 203 5.29 30.72 -8.78
N GLU C 204 4.74 29.53 -9.04
CA GLU C 204 4.65 28.54 -7.99
C GLU C 204 6.10 28.07 -7.81
N THR C 205 6.57 28.05 -6.57
CA THR C 205 7.96 27.67 -6.33
C THR C 205 8.20 26.48 -5.40
N GLU C 206 7.24 25.54 -5.42
CA GLU C 206 7.32 24.29 -4.68
C GLU C 206 7.32 24.35 -3.15
N ASP C 207 7.35 23.17 -2.55
CA ASP C 207 7.35 23.05 -1.11
C ASP C 207 8.77 23.11 -0.55
N PRO C 208 9.01 23.98 0.44
CA PRO C 208 10.33 24.12 1.06
C PRO C 208 10.57 23.02 2.10
N PHE C 209 10.30 21.78 1.71
CA PHE C 209 10.47 20.62 2.60
C PHE C 209 11.11 19.51 1.78
N TYR C 210 10.31 18.78 1.00
CA TYR C 210 10.84 17.70 0.17
C TYR C 210 11.56 18.24 -1.05
N ASP C 211 11.22 19.47 -1.44
CA ASP C 211 11.82 20.09 -2.63
C ASP C 211 12.50 21.42 -2.31
N ILE C 212 13.20 21.44 -1.18
CA ILE C 212 13.90 22.64 -0.72
C ILE C 212 14.92 23.18 -1.72
N GLY C 213 15.66 22.30 -2.38
CA GLY C 213 16.65 22.75 -3.34
C GLY C 213 16.05 23.46 -4.54
N TRP C 214 14.95 22.91 -5.05
CA TRP C 214 14.23 23.44 -6.19
C TRP C 214 13.66 24.82 -5.83
N PHE C 215 13.08 24.90 -4.62
CA PHE C 215 12.53 26.14 -4.08
C PHE C 215 13.62 27.24 -4.06
N LYS C 216 14.78 26.91 -3.51
CA LYS C 216 15.90 27.85 -3.42
C LYS C 216 16.38 28.30 -4.79
N LEU C 217 16.48 27.36 -5.73
CA LEU C 217 16.94 27.66 -7.07
C LEU C 217 16.00 28.63 -7.78
N ALA C 218 14.69 28.39 -7.66
CA ALA C 218 13.70 29.25 -8.30
C ALA C 218 13.81 30.67 -7.75
N TYR C 219 13.83 30.80 -6.42
CA TYR C 219 13.97 32.11 -5.79
C TYR C 219 15.25 32.82 -6.25
N ARG C 220 16.36 32.09 -6.24
CA ARG C 220 17.66 32.67 -6.62
C ARG C 220 17.68 33.19 -8.06
N ARG C 221 17.14 32.40 -8.99
CA ARG C 221 17.13 32.81 -10.39
C ARG C 221 16.17 33.96 -10.67
N ILE C 222 14.99 33.93 -10.04
CA ILE C 222 14.03 35.01 -10.21
C ILE C 222 14.64 36.30 -9.65
N SER C 223 15.30 36.20 -8.49
CA SER C 223 15.91 37.37 -7.86
C SER C 223 17.07 37.99 -8.64
N LYS C 224 17.68 37.22 -9.54
CA LYS C 224 18.77 37.75 -10.35
C LYS C 224 18.23 38.62 -11.49
N VAL C 225 16.95 38.46 -11.78
CA VAL C 225 16.30 39.19 -12.86
C VAL C 225 15.44 40.38 -12.39
N PHE C 226 14.58 40.13 -11.42
CA PHE C 226 13.67 41.17 -10.90
C PHE C 226 14.21 41.90 -9.67
N PRO C 227 14.10 43.25 -9.65
CA PRO C 227 14.58 44.04 -8.51
C PRO C 227 13.81 43.74 -7.23
N ILE C 228 12.53 43.39 -7.37
CA ILE C 228 11.69 43.04 -6.24
C ILE C 228 11.33 41.56 -6.39
N THR C 229 11.74 40.75 -5.42
CA THR C 229 11.44 39.32 -5.42
C THR C 229 11.13 38.95 -3.97
N ARG C 230 9.93 38.42 -3.74
CA ARG C 230 9.50 38.06 -2.39
C ARG C 230 8.72 36.76 -2.36
N VAL C 231 9.12 35.87 -1.46
CA VAL C 231 8.44 34.60 -1.30
C VAL C 231 7.24 34.75 -0.37
N TYR C 232 6.14 34.09 -0.75
CA TYR C 232 4.96 34.06 0.10
C TYR C 232 4.52 32.61 0.20
N LEU C 233 3.85 32.28 1.29
CA LEU C 233 3.45 30.90 1.54
C LEU C 233 1.95 30.71 1.66
N GLY C 234 1.52 29.48 1.39
CA GLY C 234 0.11 29.16 1.50
C GLY C 234 -0.11 27.70 1.77
N PHE C 235 -1.22 27.40 2.42
CA PHE C 235 -1.59 26.02 2.70
C PHE C 235 -2.09 25.42 1.40
N MET C 236 -1.83 24.13 1.21
CA MET C 236 -2.25 23.41 0.02
C MET C 236 -2.39 22.00 0.56
N THR C 237 -3.61 21.71 1.05
CA THR C 237 -3.95 20.46 1.72
C THR C 237 -3.72 19.11 1.04
N THR C 238 -3.44 19.10 -0.25
CA THR C 238 -3.16 17.84 -0.95
C THR C 238 -1.86 17.83 -1.75
N TYR C 239 -1.03 18.86 -1.57
CA TYR C 239 0.28 18.92 -2.22
C TYR C 239 1.31 18.41 -1.21
N PRO C 240 2.47 17.91 -1.69
CA PRO C 240 3.51 17.38 -0.79
C PRO C 240 3.90 18.34 0.33
N SER C 241 3.75 17.84 1.57
CA SER C 241 4.06 18.57 2.82
C SER C 241 2.96 19.54 3.28
N GLY C 242 2.11 19.97 2.34
CA GLY C 242 1.05 20.91 2.70
C GLY C 242 1.50 22.35 2.84
N MET C 243 2.80 22.59 2.68
CA MET C 243 3.37 23.92 2.77
C MET C 243 3.83 24.32 1.39
N TRP C 244 3.09 25.19 0.73
CA TRP C 244 3.48 25.60 -0.62
C TRP C 244 4.04 27.00 -0.67
N SER C 245 4.98 27.22 -1.58
CA SER C 245 5.58 28.53 -1.73
C SER C 245 5.28 29.10 -3.11
N TYR C 246 5.29 30.41 -3.18
CA TYR C 246 5.06 31.14 -4.41
C TYR C 246 6.04 32.30 -4.35
N THR C 247 6.49 32.77 -5.51
CA THR C 247 7.42 33.88 -5.52
C THR C 247 6.85 35.03 -6.34
N PHE C 248 6.66 36.15 -5.66
CA PHE C 248 6.17 37.36 -6.30
C PHE C 248 7.37 38.15 -6.77
N ALA C 249 7.28 38.74 -7.96
CA ALA C 249 8.37 39.55 -8.47
C ALA C 249 7.81 40.73 -9.24
N SER C 250 8.56 41.82 -9.31
CA SER C 250 8.10 43.00 -10.05
C SER C 250 9.27 43.89 -10.40
N LYS C 251 8.94 45.00 -11.05
CA LYS C 251 9.95 45.98 -11.45
C LYS C 251 9.90 47.20 -10.52
N GLY C 252 9.23 47.06 -9.38
CA GLY C 252 9.13 48.16 -8.43
C GLY C 252 8.01 48.02 -7.42
N ILE C 253 6.89 47.45 -7.84
CA ILE C 253 5.75 47.25 -6.97
C ILE C 253 6.11 46.30 -5.83
N ASP C 254 5.95 46.78 -4.60
CA ASP C 254 6.25 46.01 -3.40
C ASP C 254 4.98 45.32 -2.92
N PRO C 255 5.05 44.00 -2.63
CA PRO C 255 3.87 43.26 -2.18
C PRO C 255 3.21 43.69 -0.87
N ILE C 256 3.93 44.47 -0.07
CA ILE C 256 3.39 44.96 1.19
C ILE C 256 3.17 46.47 1.13
N LYS C 257 4.20 47.22 0.72
CA LYS C 257 4.11 48.67 0.65
C LYS C 257 3.11 49.20 -0.37
N ASP C 258 2.78 48.39 -1.37
CA ASP C 258 1.84 48.80 -2.40
C ASP C 258 0.53 48.02 -2.36
N PHE C 259 0.28 47.35 -1.24
CA PHE C 259 -0.95 46.58 -1.09
C PHE C 259 -2.08 47.44 -0.53
N ASP C 260 -3.17 47.50 -1.28
CA ASP C 260 -4.35 48.26 -0.86
C ASP C 260 -5.44 47.26 -0.48
N PRO C 261 -5.67 47.07 0.83
CA PRO C 261 -6.69 46.14 1.33
C PRO C 261 -8.10 46.44 0.83
N GLU C 262 -8.38 47.71 0.54
CA GLU C 262 -9.68 48.13 0.05
C GLU C 262 -10.09 47.47 -1.26
N LYS C 263 -9.11 47.16 -2.12
CA LYS C 263 -9.39 46.51 -3.39
C LYS C 263 -9.97 45.11 -3.13
N VAL C 264 -9.44 44.46 -2.09
CA VAL C 264 -9.89 43.12 -1.73
C VAL C 264 -11.24 43.16 -0.99
N ARG C 265 -11.37 44.09 -0.06
CA ARG C 265 -12.61 44.25 0.71
C ARG C 265 -13.82 44.55 -0.18
N LYS C 266 -13.59 45.30 -1.25
CA LYS C 266 -14.64 45.68 -2.18
C LYS C 266 -14.75 44.79 -3.41
N PHE C 267 -13.96 43.70 -3.45
CA PHE C 267 -13.98 42.78 -4.59
C PHE C 267 -15.37 42.21 -4.77
N ASN C 268 -15.85 42.22 -6.02
CA ASN C 268 -17.19 41.74 -6.34
C ASN C 268 -17.34 40.26 -6.69
N LYS C 269 -16.28 39.48 -6.45
CA LYS C 269 -16.31 38.05 -6.75
C LYS C 269 -16.01 37.18 -5.54
N GLU C 270 -16.40 35.91 -5.61
CA GLU C 270 -16.18 34.97 -4.52
C GLU C 270 -14.72 34.58 -4.32
N LEU C 271 -14.30 34.53 -3.06
CA LEU C 271 -12.95 34.12 -2.69
C LEU C 271 -13.12 33.16 -1.52
N LYS C 272 -12.59 31.96 -1.67
CA LYS C 272 -12.70 30.95 -0.62
C LYS C 272 -11.47 30.84 0.28
N TYR C 273 -10.37 31.48 -0.10
CA TYR C 273 -9.15 31.43 0.71
C TYR C 273 -8.58 32.82 0.95
N TYR C 274 -8.21 33.47 -0.14
CA TYR C 274 -7.60 34.78 -0.12
C TYR C 274 -8.43 35.92 0.46
N ASN C 275 -7.79 36.74 1.28
CA ASN C 275 -8.38 37.95 1.87
C ASN C 275 -7.25 38.92 2.24
N GLU C 276 -7.59 40.12 2.69
CA GLU C 276 -6.58 41.14 3.03
C GLU C 276 -5.55 40.71 4.06
N GLU C 277 -6.02 40.09 5.14
CA GLU C 277 -5.13 39.63 6.20
C GLU C 277 -4.21 38.52 5.73
N VAL C 278 -4.77 37.60 4.95
CA VAL C 278 -3.99 36.48 4.41
C VAL C 278 -2.92 36.97 3.44
N HIS C 279 -3.22 38.01 2.66
CA HIS C 279 -2.25 38.55 1.71
C HIS C 279 -0.97 38.96 2.46
N VAL C 280 -1.14 39.79 3.48
CA VAL C 280 -0.02 40.29 4.27
C VAL C 280 0.66 39.17 5.06
N ALA C 281 -0.14 38.32 5.67
CA ALA C 281 0.38 37.20 6.47
C ALA C 281 1.21 36.21 5.65
N SER C 282 0.85 36.02 4.38
CA SER C 282 1.55 35.04 3.54
C SER C 282 3.01 35.36 3.33
N PHE C 283 3.39 36.62 3.52
CA PHE C 283 4.78 37.03 3.35
C PHE C 283 5.65 36.85 4.60
N ALA C 284 5.04 36.42 5.70
CA ALA C 284 5.78 36.17 6.94
C ALA C 284 6.37 34.75 6.85
N LEU C 285 7.69 34.67 6.78
CA LEU C 285 8.37 33.40 6.63
C LEU C 285 8.95 32.83 7.92
N PRO C 286 8.73 31.53 8.16
CA PRO C 286 9.25 30.87 9.36
C PRO C 286 10.79 30.92 9.31
N ASN C 287 11.44 30.83 10.46
CA ASN C 287 12.89 30.89 10.52
C ASN C 287 13.64 29.94 9.58
N PHE C 288 13.19 28.68 9.48
CA PHE C 288 13.92 27.74 8.63
C PHE C 288 13.91 28.14 7.15
N VAL C 289 12.83 28.79 6.73
CA VAL C 289 12.70 29.25 5.35
C VAL C 289 13.61 30.46 5.14
N LYS C 290 13.62 31.39 6.11
CA LYS C 290 14.46 32.57 6.02
C LYS C 290 15.93 32.17 5.94
N LYS C 291 16.32 31.19 6.75
CA LYS C 291 17.70 30.71 6.78
C LYS C 291 18.10 30.11 5.44
N GLU C 292 17.18 29.36 4.82
CA GLU C 292 17.46 28.73 3.54
C GLU C 292 17.63 29.75 2.41
N LEU C 293 16.94 30.88 2.53
CA LEU C 293 17.00 31.95 1.53
C LEU C 293 18.05 33.02 1.86
N GLY C 294 18.69 32.88 3.03
CA GLY C 294 19.70 33.85 3.45
C GLY C 294 19.10 35.16 3.93
N LEU C 295 17.90 35.09 4.50
CA LEU C 295 17.18 36.27 4.98
C LEU C 295 17.17 36.45 6.51
N MET C 296 17.88 35.59 7.24
CA MET C 296 17.92 35.69 8.70
C MET C 296 18.75 36.89 9.14
N LEU D 4 -9.02 15.39 -28.49
CA LEU D 4 -8.62 14.33 -27.56
C LEU D 4 -8.30 13.03 -28.29
N LYS D 5 -9.18 12.63 -29.20
CA LYS D 5 -9.01 11.39 -29.97
C LYS D 5 -7.71 11.37 -30.78
N GLU D 6 -7.36 12.51 -31.37
CA GLU D 6 -6.16 12.63 -32.18
C GLU D 6 -4.87 12.66 -31.34
N LEU D 7 -4.99 13.13 -30.09
CA LEU D 7 -3.85 13.25 -29.20
C LEU D 7 -3.56 12.02 -28.32
N GLU D 8 -4.53 11.14 -28.16
CA GLU D 8 -4.36 9.94 -27.34
C GLU D 8 -3.36 8.94 -27.93
N ARG D 9 -2.52 8.39 -27.07
CA ARG D 9 -1.50 7.40 -27.45
C ARG D 9 -1.70 6.14 -26.60
N GLU D 10 -0.82 5.17 -26.79
CA GLU D 10 -0.89 3.92 -26.04
C GLU D 10 -0.59 4.16 -24.56
N LEU D 11 -1.55 3.83 -23.71
CA LEU D 11 -1.43 4.02 -22.27
C LEU D 11 -0.37 3.11 -21.64
N GLN D 12 0.64 3.72 -21.04
CA GLN D 12 1.74 2.98 -20.40
C GLN D 12 1.63 2.96 -18.87
N PRO D 13 1.90 1.80 -18.26
CA PRO D 13 1.84 1.58 -16.81
C PRO D 13 2.89 2.36 -16.01
N ARG D 14 2.50 2.74 -14.79
CA ARG D 14 3.39 3.45 -13.87
C ARG D 14 3.27 2.75 -12.51
N GLN D 15 3.61 3.44 -11.44
CA GLN D 15 3.54 2.85 -10.10
C GLN D 15 2.53 3.57 -9.22
N HIS D 16 1.48 4.12 -9.82
CA HIS D 16 0.48 4.86 -9.06
C HIS D 16 -0.91 4.25 -8.90
N LEU D 17 -1.36 3.41 -9.83
CA LEU D 17 -2.69 2.79 -9.72
C LEU D 17 -2.57 1.34 -9.27
N TRP D 18 -3.24 1.02 -8.17
CA TRP D 18 -3.15 -0.33 -7.60
C TRP D 18 -4.46 -0.97 -7.14
N TYR D 19 -4.48 -2.30 -7.24
CA TYR D 19 -5.61 -3.11 -6.81
C TYR D 19 -5.09 -3.94 -5.62
N PHE D 20 -5.79 -3.87 -4.49
CA PHE D 20 -5.42 -4.63 -3.30
C PHE D 20 -6.54 -5.62 -2.99
N GLU D 21 -6.21 -6.91 -2.98
CA GLU D 21 -7.18 -7.95 -2.65
C GLU D 21 -6.82 -8.53 -1.28
N TYR D 22 -7.71 -8.34 -0.30
CA TYR D 22 -7.47 -8.86 1.03
C TYR D 22 -8.03 -10.29 1.15
N TYR D 23 -7.25 -11.17 1.77
CA TYR D 23 -7.68 -12.55 1.97
C TYR D 23 -8.47 -12.62 3.27
N THR D 24 -9.19 -13.73 3.46
CA THR D 24 -9.98 -13.91 4.67
C THR D 24 -9.09 -13.70 5.90
N GLY D 25 -9.54 -12.81 6.77
CA GLY D 25 -8.77 -12.50 7.97
C GLY D 25 -8.16 -11.11 7.88
N ASN D 26 -8.00 -10.62 6.65
CA ASN D 26 -7.46 -9.29 6.38
C ASN D 26 -6.02 -9.06 6.86
N ASN D 27 -5.25 -10.13 6.94
CA ASN D 27 -3.87 -10.05 7.41
C ASN D 27 -2.86 -10.27 6.28
N VAL D 28 -3.33 -10.82 5.17
CA VAL D 28 -2.50 -11.10 4.01
C VAL D 28 -3.35 -10.81 2.77
N GLY D 29 -2.69 -10.47 1.66
CA GLY D 29 -3.42 -10.19 0.44
C GLY D 29 -2.52 -10.12 -0.76
N LEU D 30 -3.13 -9.91 -1.92
CA LEU D 30 -2.40 -9.80 -3.18
C LEU D 30 -2.59 -8.39 -3.73
N PHE D 31 -1.54 -7.82 -4.32
CA PHE D 31 -1.66 -6.51 -4.93
C PHE D 31 -1.27 -6.60 -6.40
N MET D 32 -1.93 -5.79 -7.23
CA MET D 32 -1.68 -5.78 -8.67
C MET D 32 -1.64 -4.37 -9.22
N LYS D 33 -0.74 -4.13 -10.17
CA LYS D 33 -0.67 -2.84 -10.84
C LYS D 33 -1.85 -2.79 -11.81
N MET D 34 -2.46 -1.62 -11.94
CA MET D 34 -3.56 -1.45 -12.88
C MET D 34 -3.12 -0.45 -13.93
N ASN D 35 -2.94 -0.91 -15.16
CA ASN D 35 -2.53 0.02 -16.22
C ASN D 35 -3.74 0.84 -16.65
N ARG D 36 -4.92 0.21 -16.61
CA ARG D 36 -6.16 0.85 -17.01
C ARG D 36 -7.34 0.13 -16.39
N VAL D 37 -8.40 0.88 -16.10
CA VAL D 37 -9.62 0.30 -15.56
C VAL D 37 -10.61 0.26 -16.72
N ILE D 38 -11.06 -0.95 -17.06
CA ILE D 38 -11.98 -1.18 -18.16
C ILE D 38 -13.44 -0.89 -17.79
N TYR D 39 -13.85 -1.34 -16.61
CA TYR D 39 -15.23 -1.15 -16.17
C TYR D 39 -15.38 -1.26 -14.66
N SER D 40 -16.23 -0.39 -14.11
CA SER D 40 -16.55 -0.36 -12.70
C SER D 40 -18.05 -0.16 -12.63
N GLY D 41 -18.75 -1.14 -12.07
CA GLY D 41 -20.20 -1.05 -11.98
C GLY D 41 -20.71 -1.64 -10.68
N GLN D 42 -21.91 -1.23 -10.29
CA GLN D 42 -22.54 -1.68 -9.06
C GLN D 42 -23.96 -2.17 -9.35
N SER D 43 -24.26 -3.38 -8.91
CA SER D 43 -25.60 -3.94 -9.06
C SER D 43 -26.26 -3.89 -7.69
N ASP D 44 -27.48 -4.43 -7.59
CA ASP D 44 -28.18 -4.45 -6.30
C ASP D 44 -27.54 -5.49 -5.38
N ILE D 45 -26.65 -6.30 -5.94
CA ILE D 45 -25.99 -7.36 -5.19
C ILE D 45 -24.53 -7.10 -4.83
N GLN D 46 -23.74 -6.61 -5.79
CA GLN D 46 -22.32 -6.40 -5.55
C GLN D 46 -21.68 -5.43 -6.53
N ARG D 47 -20.39 -5.17 -6.31
CA ARG D 47 -19.63 -4.29 -7.17
C ARG D 47 -18.74 -5.10 -8.11
N ILE D 48 -18.65 -4.64 -9.35
CA ILE D 48 -17.84 -5.28 -10.38
C ILE D 48 -16.73 -4.36 -10.84
N ASP D 49 -15.52 -4.90 -10.93
CA ASP D 49 -14.37 -4.14 -11.42
C ASP D 49 -13.59 -5.02 -12.39
N ILE D 50 -13.35 -4.47 -13.57
CA ILE D 50 -12.60 -5.15 -14.60
C ILE D 50 -11.48 -4.19 -15.00
N PHE D 51 -10.25 -4.67 -14.91
CA PHE D 51 -9.09 -3.84 -15.24
C PHE D 51 -7.99 -4.63 -15.94
N GLU D 52 -6.95 -3.94 -16.35
CA GLU D 52 -5.85 -4.54 -17.06
C GLU D 52 -4.55 -4.49 -16.25
N ASN D 53 -3.91 -5.64 -16.10
CA ASN D 53 -2.63 -5.77 -15.41
C ASN D 53 -1.61 -6.16 -16.48
N PRO D 54 -0.42 -5.54 -16.48
CA PRO D 54 0.61 -5.84 -17.48
C PRO D 54 0.99 -7.32 -17.64
N ASP D 55 0.96 -8.08 -16.55
CA ASP D 55 1.32 -9.49 -16.60
C ASP D 55 0.15 -10.47 -16.66
N LEU D 56 -0.93 -10.18 -15.95
CA LEU D 56 -2.09 -11.06 -15.90
C LEU D 56 -3.16 -10.79 -16.96
N GLY D 57 -3.05 -9.65 -17.63
CA GLY D 57 -4.04 -9.30 -18.64
C GLY D 57 -5.29 -8.76 -17.99
N VAL D 58 -6.45 -9.08 -18.56
CA VAL D 58 -7.72 -8.62 -18.00
C VAL D 58 -8.04 -9.34 -16.71
N VAL D 59 -8.34 -8.56 -15.67
CA VAL D 59 -8.68 -9.08 -14.36
C VAL D 59 -10.11 -8.67 -13.99
N PHE D 60 -10.88 -9.65 -13.53
CA PHE D 60 -12.28 -9.45 -13.14
C PHE D 60 -12.41 -9.69 -11.63
N ALA D 61 -12.92 -8.70 -10.91
CA ALA D 61 -13.10 -8.80 -9.47
C ALA D 61 -14.51 -8.43 -9.02
N LEU D 62 -14.99 -9.11 -7.98
CA LEU D 62 -16.31 -8.88 -7.39
C LEU D 62 -16.09 -8.50 -5.93
N ASP D 63 -16.53 -7.30 -5.56
CA ASP D 63 -16.36 -6.79 -4.20
C ASP D 63 -14.91 -6.88 -3.72
N GLY D 64 -13.98 -6.61 -4.63
CA GLY D 64 -12.57 -6.65 -4.30
C GLY D 64 -11.95 -8.03 -4.16
N ILE D 65 -12.61 -9.04 -4.71
CA ILE D 65 -12.10 -10.42 -4.67
C ILE D 65 -11.88 -10.84 -6.11
N THR D 66 -10.67 -11.31 -6.42
CA THR D 66 -10.32 -11.73 -7.77
C THR D 66 -11.10 -12.97 -8.19
N MET D 67 -11.86 -12.84 -9.29
CA MET D 67 -12.66 -13.94 -9.81
C MET D 67 -11.96 -14.63 -10.98
N THR D 68 -11.51 -13.84 -11.95
CA THR D 68 -10.80 -14.40 -13.10
C THR D 68 -9.67 -13.53 -13.57
N THR D 69 -8.68 -14.18 -14.15
CA THR D 69 -7.50 -13.53 -14.70
C THR D 69 -7.32 -14.17 -16.08
N GLU D 70 -7.08 -13.34 -17.09
CA GLU D 70 -6.89 -13.81 -18.45
C GLU D 70 -5.76 -14.82 -18.59
N LYS D 71 -4.69 -14.64 -17.83
CA LYS D 71 -3.54 -15.53 -17.90
C LYS D 71 -3.72 -16.93 -17.30
N ASP D 72 -4.54 -17.07 -16.26
CA ASP D 72 -4.66 -18.38 -15.63
C ASP D 72 -6.04 -18.95 -15.34
N GLU D 73 -7.11 -18.28 -15.76
CA GLU D 73 -8.45 -18.80 -15.50
C GLU D 73 -8.67 -20.24 -15.96
N PHE D 74 -7.91 -20.66 -16.96
CA PHE D 74 -8.03 -22.02 -17.49
C PHE D 74 -7.76 -23.10 -16.44
N MET D 75 -6.88 -22.81 -15.49
CA MET D 75 -6.51 -23.75 -14.43
C MET D 75 -7.70 -24.14 -13.58
N TYR D 76 -8.47 -23.13 -13.18
CA TYR D 76 -9.64 -23.31 -12.35
C TYR D 76 -10.80 -23.93 -13.11
N HIS D 77 -11.16 -23.31 -14.24
CA HIS D 77 -12.27 -23.78 -15.04
C HIS D 77 -12.12 -25.20 -15.56
N GLU D 78 -10.91 -25.58 -15.94
CA GLU D 78 -10.69 -26.94 -16.45
C GLU D 78 -10.80 -28.00 -15.36
N MET D 79 -10.28 -27.72 -14.17
CA MET D 79 -10.35 -28.69 -13.09
C MET D 79 -11.76 -28.85 -12.52
N LEU D 80 -12.49 -27.74 -12.44
CA LEU D 80 -13.85 -27.77 -11.91
C LEU D 80 -14.80 -28.49 -12.87
N ALA D 81 -14.61 -28.27 -14.17
CA ALA D 81 -15.49 -28.86 -15.18
C ALA D 81 -15.13 -30.23 -15.73
N HIS D 82 -13.87 -30.43 -16.13
CA HIS D 82 -13.46 -31.70 -16.72
C HIS D 82 -13.42 -32.95 -15.86
N VAL D 83 -13.18 -32.80 -14.55
CA VAL D 83 -13.16 -33.98 -13.69
C VAL D 83 -14.52 -34.68 -13.71
N PRO D 84 -15.62 -33.95 -13.40
CA PRO D 84 -16.93 -34.63 -13.44
C PRO D 84 -17.44 -34.95 -14.84
N MET D 85 -17.13 -34.11 -15.82
CA MET D 85 -17.59 -34.33 -17.19
C MET D 85 -17.02 -35.60 -17.82
N PHE D 86 -15.74 -35.87 -17.59
CA PHE D 86 -15.09 -37.06 -18.13
C PHE D 86 -15.47 -38.32 -17.36
N LEU D 87 -15.85 -38.16 -16.09
CA LEU D 87 -16.24 -39.28 -15.25
C LEU D 87 -17.65 -39.79 -15.57
N HIS D 88 -18.46 -38.93 -16.19
CA HIS D 88 -19.83 -39.33 -16.54
C HIS D 88 -19.80 -40.12 -17.85
N PRO D 89 -20.56 -41.22 -17.91
CA PRO D 89 -20.66 -42.09 -19.09
C PRO D 89 -21.09 -41.38 -20.37
N ASN D 90 -22.08 -40.49 -20.26
CA ASN D 90 -22.58 -39.75 -21.41
C ASN D 90 -23.35 -38.51 -20.94
N PRO D 91 -22.62 -37.45 -20.55
CA PRO D 91 -23.23 -36.20 -20.07
C PRO D 91 -23.94 -35.40 -21.16
N LYS D 92 -25.27 -35.33 -21.05
CA LYS D 92 -26.09 -34.62 -22.03
C LYS D 92 -26.72 -33.35 -21.46
N LYS D 93 -27.15 -33.41 -20.21
CA LYS D 93 -27.79 -32.28 -19.54
C LYS D 93 -26.94 -31.83 -18.36
N VAL D 94 -26.47 -30.58 -18.40
CA VAL D 94 -25.62 -30.05 -17.33
C VAL D 94 -26.15 -28.75 -16.73
N LEU D 95 -26.00 -28.61 -15.42
CA LEU D 95 -26.41 -27.39 -14.72
C LEU D 95 -25.20 -26.80 -14.01
N ILE D 96 -24.93 -25.53 -14.27
CA ILE D 96 -23.82 -24.82 -13.64
C ILE D 96 -24.41 -23.69 -12.81
N ILE D 97 -24.15 -23.73 -11.50
CA ILE D 97 -24.63 -22.71 -10.59
C ILE D 97 -23.49 -21.74 -10.32
N GLY D 98 -23.69 -20.47 -10.68
CA GLY D 98 -22.67 -19.46 -10.51
C GLY D 98 -21.86 -19.37 -11.78
N GLY D 99 -20.63 -18.89 -11.69
CA GLY D 99 -19.78 -18.76 -12.86
C GLY D 99 -20.29 -17.80 -13.91
N GLY D 100 -20.63 -16.59 -13.49
CA GLY D 100 -21.15 -15.59 -14.40
C GLY D 100 -20.19 -15.18 -15.50
N ASP D 101 -18.89 -15.42 -15.30
CA ASP D 101 -17.89 -15.08 -16.30
C ASP D 101 -18.02 -15.99 -17.52
N GLY D 102 -18.55 -17.20 -17.32
CA GLY D 102 -18.76 -18.14 -18.40
C GLY D 102 -17.67 -19.18 -18.66
N GLY D 103 -16.58 -19.12 -17.91
CA GLY D 103 -15.47 -20.06 -18.10
C GLY D 103 -15.82 -21.52 -17.99
N THR D 104 -16.57 -21.88 -16.95
CA THR D 104 -16.97 -23.27 -16.74
C THR D 104 -17.88 -23.73 -17.87
N LEU D 105 -18.79 -22.85 -18.30
CA LEU D 105 -19.70 -23.17 -19.40
C LEU D 105 -18.89 -23.46 -20.66
N ARG D 106 -17.85 -22.66 -20.89
CA ARG D 106 -16.98 -22.82 -22.04
C ARG D 106 -16.34 -24.20 -22.06
N GLU D 107 -15.87 -24.65 -20.90
CA GLU D 107 -15.23 -25.96 -20.78
C GLU D 107 -16.23 -27.11 -20.94
N VAL D 108 -17.42 -26.95 -20.36
CA VAL D 108 -18.47 -27.96 -20.46
C VAL D 108 -18.86 -28.18 -21.93
N LEU D 109 -18.97 -27.08 -22.67
CA LEU D 109 -19.35 -27.13 -24.08
C LEU D 109 -18.36 -27.86 -25.01
N LYS D 110 -17.15 -28.08 -24.53
CA LYS D 110 -16.13 -28.78 -25.31
C LYS D 110 -16.50 -30.25 -25.50
N HIS D 111 -17.35 -30.76 -24.61
CA HIS D 111 -17.81 -32.15 -24.67
C HIS D 111 -18.98 -32.27 -25.65
N ASP D 112 -18.73 -32.95 -26.76
CA ASP D 112 -19.73 -33.16 -27.81
C ASP D 112 -21.04 -33.79 -27.36
N SER D 113 -20.99 -34.58 -26.29
CA SER D 113 -22.17 -35.26 -25.76
C SER D 113 -23.21 -34.30 -25.16
N VAL D 114 -22.78 -33.11 -24.77
CA VAL D 114 -23.68 -32.13 -24.18
C VAL D 114 -24.73 -31.63 -25.17
N GLU D 115 -26.00 -31.72 -24.76
CA GLU D 115 -27.11 -31.28 -25.59
C GLU D 115 -27.64 -29.95 -25.05
N LYS D 116 -27.61 -29.80 -23.73
CA LYS D 116 -28.08 -28.59 -23.06
C LYS D 116 -27.29 -28.31 -21.78
N ALA D 117 -26.80 -27.07 -21.67
CA ALA D 117 -26.04 -26.65 -20.49
C ALA D 117 -26.64 -25.34 -19.98
N ILE D 118 -27.18 -25.39 -18.76
CA ILE D 118 -27.80 -24.23 -18.12
C ILE D 118 -26.82 -23.53 -17.17
N LEU D 119 -26.62 -22.24 -17.39
CA LEU D 119 -25.75 -21.43 -16.56
C LEU D 119 -26.67 -20.55 -15.71
N CYS D 120 -26.70 -20.82 -14.41
CA CYS D 120 -27.55 -20.08 -13.48
C CYS D 120 -26.75 -19.09 -12.65
N GLU D 121 -26.83 -17.81 -13.03
CA GLU D 121 -26.12 -16.73 -12.33
C GLU D 121 -27.12 -15.82 -11.63
N VAL D 122 -26.85 -15.49 -10.37
CA VAL D 122 -27.76 -14.64 -9.59
C VAL D 122 -27.75 -13.15 -9.95
N ASP D 123 -26.61 -12.66 -10.42
CA ASP D 123 -26.46 -11.25 -10.77
C ASP D 123 -26.46 -11.01 -12.28
N GLY D 124 -27.54 -10.38 -12.77
CA GLY D 124 -27.65 -10.10 -14.18
C GLY D 124 -26.57 -9.17 -14.72
N LEU D 125 -26.07 -8.28 -13.86
CA LEU D 125 -25.03 -7.34 -14.28
C LEU D 125 -23.72 -8.07 -14.59
N VAL D 126 -23.45 -9.16 -13.88
CA VAL D 126 -22.25 -9.95 -14.09
C VAL D 126 -22.27 -10.58 -15.49
N ILE D 127 -23.42 -11.14 -15.87
CA ILE D 127 -23.57 -11.74 -17.18
C ILE D 127 -23.35 -10.72 -18.30
N GLU D 128 -23.98 -9.55 -18.16
CA GLU D 128 -23.84 -8.50 -19.17
C GLU D 128 -22.43 -7.93 -19.24
N ALA D 129 -21.78 -7.79 -18.09
CA ALA D 129 -20.42 -7.28 -18.06
C ALA D 129 -19.48 -8.31 -18.68
N ALA D 130 -19.72 -9.59 -18.41
CA ALA D 130 -18.90 -10.67 -18.95
C ALA D 130 -19.05 -10.77 -20.47
N ARG D 131 -20.29 -10.62 -20.95
CA ARG D 131 -20.57 -10.68 -22.38
C ARG D 131 -19.84 -9.58 -23.14
N LYS D 132 -19.79 -8.39 -22.55
CA LYS D 132 -19.17 -7.23 -23.18
C LYS D 132 -17.65 -7.08 -22.97
N TYR D 133 -17.16 -7.45 -21.78
CA TYR D 133 -15.76 -7.27 -21.47
C TYR D 133 -14.89 -8.52 -21.26
N LEU D 134 -15.52 -9.66 -21.00
CA LEU D 134 -14.76 -10.90 -20.76
C LEU D 134 -15.01 -11.94 -21.85
N LYS D 135 -14.70 -11.57 -23.09
CA LYS D 135 -14.90 -12.44 -24.25
C LYS D 135 -14.19 -13.79 -24.19
N GLN D 136 -13.07 -13.85 -23.47
CA GLN D 136 -12.31 -15.10 -23.36
C GLN D 136 -13.12 -16.18 -22.64
N THR D 137 -13.90 -15.77 -21.65
CA THR D 137 -14.71 -16.72 -20.87
C THR D 137 -16.18 -16.79 -21.28
N SER D 138 -16.74 -15.67 -21.76
CA SER D 138 -18.14 -15.63 -22.16
C SER D 138 -18.42 -16.05 -23.60
N CYS D 139 -17.43 -16.66 -24.24
CA CYS D 139 -17.56 -17.10 -25.63
C CYS D 139 -18.66 -18.13 -25.91
N GLY D 140 -19.09 -18.83 -24.87
CA GLY D 140 -20.13 -19.83 -25.03
C GLY D 140 -21.56 -19.36 -24.77
N PHE D 141 -21.70 -18.06 -24.49
CA PHE D 141 -23.02 -17.47 -24.21
C PHE D 141 -24.02 -17.62 -25.37
N ASP D 142 -23.50 -17.58 -26.60
CA ASP D 142 -24.35 -17.68 -27.79
C ASP D 142 -24.49 -19.09 -28.36
N ASP D 143 -23.90 -20.09 -27.70
CA ASP D 143 -23.99 -21.47 -28.16
C ASP D 143 -25.45 -21.92 -28.04
N PRO D 144 -26.01 -22.52 -29.11
CA PRO D 144 -27.41 -22.98 -29.09
C PRO D 144 -27.74 -23.98 -27.99
N ARG D 145 -26.72 -24.68 -27.48
CA ARG D 145 -26.90 -25.65 -26.42
C ARG D 145 -26.91 -24.99 -25.04
N ALA D 146 -26.39 -23.76 -24.97
CA ALA D 146 -26.33 -23.03 -23.72
C ALA D 146 -27.60 -22.23 -23.43
N GLU D 147 -27.98 -22.23 -22.16
CA GLU D 147 -29.14 -21.49 -21.70
C GLU D 147 -28.74 -20.72 -20.45
N ILE D 148 -28.74 -19.41 -20.55
CA ILE D 148 -28.37 -18.54 -19.44
C ILE D 148 -29.61 -18.06 -18.71
N VAL D 149 -29.67 -18.32 -17.40
CA VAL D 149 -30.80 -17.90 -16.58
C VAL D 149 -30.30 -17.09 -15.38
N ILE D 150 -31.05 -16.04 -15.04
CA ILE D 150 -30.72 -15.19 -13.92
C ILE D 150 -31.62 -15.55 -12.75
N ALA D 151 -31.04 -16.20 -11.74
CA ALA D 151 -31.80 -16.60 -10.56
C ALA D 151 -30.88 -17.09 -9.45
N ASN D 152 -31.46 -17.20 -8.25
CA ASN D 152 -30.74 -17.69 -7.08
C ASN D 152 -30.63 -19.20 -7.28
N GLY D 153 -29.39 -19.69 -7.38
CA GLY D 153 -29.15 -21.11 -7.58
C GLY D 153 -29.80 -22.06 -6.59
N ALA D 154 -29.89 -21.66 -5.34
CA ALA D 154 -30.48 -22.50 -4.29
C ALA D 154 -31.97 -22.74 -4.54
N GLU D 155 -32.65 -21.73 -5.07
CA GLU D 155 -34.08 -21.84 -5.35
C GLU D 155 -34.32 -22.46 -6.72
N TYR D 156 -33.46 -22.15 -7.68
CA TYR D 156 -33.59 -22.64 -9.05
C TYR D 156 -33.46 -24.16 -9.21
N VAL D 157 -32.47 -24.76 -8.54
CA VAL D 157 -32.24 -26.20 -8.64
C VAL D 157 -33.43 -27.04 -8.16
N ARG D 158 -34.27 -26.45 -7.30
CA ARG D 158 -35.44 -27.13 -6.76
C ARG D 158 -36.55 -27.37 -7.78
N LYS D 159 -36.45 -26.72 -8.93
CA LYS D 159 -37.44 -26.89 -9.99
C LYS D 159 -37.24 -28.22 -10.73
N PHE D 160 -36.09 -28.85 -10.51
CA PHE D 160 -35.77 -30.09 -11.21
C PHE D 160 -35.62 -31.32 -10.33
N LYS D 161 -36.00 -32.46 -10.91
CA LYS D 161 -35.92 -33.76 -10.26
C LYS D 161 -35.55 -34.77 -11.34
N ASN D 162 -34.49 -35.54 -11.12
CA ASN D 162 -34.04 -36.56 -12.07
C ASN D 162 -33.91 -35.95 -13.48
N GLU D 163 -33.19 -34.84 -13.56
CA GLU D 163 -33.03 -34.13 -14.83
C GLU D 163 -31.61 -34.01 -15.39
N PHE D 164 -30.66 -33.66 -14.53
CA PHE D 164 -29.27 -33.46 -14.98
C PHE D 164 -28.33 -34.65 -14.82
N ASP D 165 -27.35 -34.70 -15.73
CA ASP D 165 -26.33 -35.73 -15.71
C ASP D 165 -25.16 -35.21 -14.89
N VAL D 166 -24.98 -33.89 -14.91
CA VAL D 166 -23.89 -33.25 -14.18
C VAL D 166 -24.32 -31.90 -13.59
N ILE D 167 -23.92 -31.64 -12.35
CA ILE D 167 -24.20 -30.37 -11.68
C ILE D 167 -22.87 -29.86 -11.14
N ILE D 168 -22.53 -28.63 -11.55
CA ILE D 168 -21.28 -27.99 -11.14
C ILE D 168 -21.58 -26.70 -10.37
N ILE D 169 -21.00 -26.56 -9.19
CA ILE D 169 -21.19 -25.36 -8.38
C ILE D 169 -19.95 -24.48 -8.50
N ASP D 170 -20.08 -23.41 -9.28
CA ASP D 170 -19.02 -22.45 -9.53
C ASP D 170 -19.33 -21.17 -8.75
N SER D 171 -19.42 -21.29 -7.43
CA SER D 171 -19.72 -20.16 -6.57
C SER D 171 -19.30 -20.45 -5.13
N PHE D 183 -25.01 -23.10 0.32
CA PHE D 183 -23.99 -24.04 0.77
C PHE D 183 -24.49 -24.90 1.93
N THR D 184 -25.81 -25.02 2.05
CA THR D 184 -26.43 -25.82 3.11
C THR D 184 -26.64 -27.27 2.71
N GLU D 185 -26.90 -28.14 3.69
CA GLU D 185 -27.14 -29.55 3.42
C GLU D 185 -28.42 -29.67 2.59
N GLU D 186 -29.35 -28.75 2.81
CA GLU D 186 -30.62 -28.70 2.11
C GLU D 186 -30.36 -28.45 0.62
N PHE D 187 -29.42 -27.56 0.33
CA PHE D 187 -29.06 -27.25 -1.05
C PHE D 187 -28.43 -28.44 -1.76
N TYR D 188 -27.48 -29.10 -1.07
CA TYR D 188 -26.81 -30.25 -1.65
C TYR D 188 -27.77 -31.42 -1.89
N GLN D 189 -28.81 -31.52 -1.06
CA GLN D 189 -29.80 -32.56 -1.21
C GLN D 189 -30.62 -32.26 -2.46
N ALA D 190 -30.89 -30.97 -2.69
CA ALA D 190 -31.65 -30.53 -3.85
C ALA D 190 -30.87 -30.86 -5.12
N CYS D 191 -29.55 -30.74 -5.06
CA CYS D 191 -28.69 -31.05 -6.19
C CYS D 191 -28.75 -32.55 -6.46
N TYR D 192 -28.69 -33.34 -5.39
CA TYR D 192 -28.75 -34.80 -5.48
C TYR D 192 -30.05 -35.21 -6.18
N ASP D 193 -31.15 -34.60 -5.74
CA ASP D 193 -32.47 -34.89 -6.29
C ASP D 193 -32.62 -34.44 -7.74
N ALA D 194 -31.96 -33.35 -8.12
CA ALA D 194 -32.03 -32.82 -9.47
C ALA D 194 -31.22 -33.67 -10.45
N LEU D 195 -30.31 -34.46 -9.92
CA LEU D 195 -29.47 -35.34 -10.73
C LEU D 195 -30.18 -36.65 -11.04
N LYS D 196 -29.78 -37.27 -12.15
CA LYS D 196 -30.35 -38.57 -12.53
C LYS D 196 -29.72 -39.62 -11.62
N GLU D 197 -30.18 -40.86 -11.74
CA GLU D 197 -29.67 -41.95 -10.90
C GLU D 197 -28.16 -42.19 -10.95
N ASP D 198 -27.53 -41.80 -12.05
CA ASP D 198 -26.08 -41.97 -12.22
C ASP D 198 -25.38 -40.63 -12.44
N GLY D 199 -25.99 -39.56 -11.96
CA GLY D 199 -25.42 -38.23 -12.12
C GLY D 199 -24.18 -37.97 -11.27
N VAL D 200 -23.36 -37.02 -11.72
CA VAL D 200 -22.14 -36.65 -11.01
C VAL D 200 -22.21 -35.18 -10.59
N PHE D 201 -21.34 -34.80 -9.66
CA PHE D 201 -21.34 -33.46 -9.09
C PHE D 201 -19.92 -32.96 -8.78
N SER D 202 -19.73 -31.65 -8.89
CA SER D 202 -18.45 -31.03 -8.55
C SER D 202 -18.75 -29.63 -8.01
N ALA D 203 -17.97 -29.21 -7.02
CA ALA D 203 -18.15 -27.90 -6.43
C ALA D 203 -16.80 -27.36 -5.99
N GLU D 204 -16.60 -26.07 -6.20
CA GLU D 204 -15.36 -25.46 -5.76
C GLU D 204 -15.48 -25.34 -4.25
N THR D 205 -14.45 -25.79 -3.53
CA THR D 205 -14.53 -25.74 -2.07
C THR D 205 -13.46 -24.92 -1.36
N GLU D 206 -12.96 -23.90 -2.06
CA GLU D 206 -11.97 -22.96 -1.53
C GLU D 206 -10.59 -23.53 -1.20
N ASP D 207 -9.72 -22.66 -0.68
CA ASP D 207 -8.38 -23.05 -0.30
C ASP D 207 -8.35 -23.52 1.15
N PRO D 208 -7.71 -24.69 1.40
CA PRO D 208 -7.61 -25.26 2.74
C PRO D 208 -6.49 -24.55 3.52
N PHE D 209 -6.49 -23.22 3.46
CA PHE D 209 -5.48 -22.42 4.14
C PHE D 209 -6.17 -21.23 4.82
N TYR D 210 -6.41 -20.15 4.07
CA TYR D 210 -7.09 -18.98 4.63
C TYR D 210 -8.58 -19.25 4.84
N ASP D 211 -9.12 -20.16 4.04
CA ASP D 211 -10.54 -20.48 4.10
C ASP D 211 -10.80 -21.91 4.54
N ILE D 212 -10.00 -22.37 5.49
CA ILE D 212 -10.10 -23.72 6.03
C ILE D 212 -11.48 -24.05 6.61
N GLY D 213 -12.10 -23.06 7.26
CA GLY D 213 -13.41 -23.25 7.85
C GLY D 213 -14.48 -23.58 6.84
N TRP D 214 -14.53 -22.82 5.75
CA TRP D 214 -15.50 -23.02 4.68
C TRP D 214 -15.27 -24.37 4.00
N PHE D 215 -13.99 -24.68 3.77
CA PHE D 215 -13.57 -25.93 3.14
C PHE D 215 -14.11 -27.14 3.89
N LYS D 216 -13.88 -27.18 5.20
CA LYS D 216 -14.32 -28.28 6.05
C LYS D 216 -15.85 -28.40 6.08
N LEU D 217 -16.53 -27.27 6.17
CA LEU D 217 -17.98 -27.25 6.22
C LEU D 217 -18.62 -27.78 4.93
N ALA D 218 -18.10 -27.33 3.79
CA ALA D 218 -18.61 -27.76 2.50
C ALA D 218 -18.45 -29.28 2.33
N TYR D 219 -17.28 -29.79 2.70
CA TYR D 219 -17.02 -31.22 2.58
C TYR D 219 -17.96 -32.04 3.47
N ARG D 220 -18.13 -31.61 4.71
CA ARG D 220 -18.99 -32.30 5.67
C ARG D 220 -20.43 -32.38 5.16
N ARG D 221 -20.96 -31.26 4.70
CA ARG D 221 -22.33 -31.19 4.19
C ARG D 221 -22.55 -32.00 2.91
N ILE D 222 -21.60 -31.96 1.99
CA ILE D 222 -21.70 -32.70 0.74
C ILE D 222 -21.63 -34.20 1.01
N SER D 223 -20.72 -34.60 1.89
CA SER D 223 -20.53 -36.02 2.24
C SER D 223 -21.74 -36.64 2.94
N LYS D 224 -22.55 -35.80 3.57
CA LYS D 224 -23.75 -36.28 4.27
C LYS D 224 -24.87 -36.63 3.29
N VAL D 225 -24.80 -36.06 2.08
CA VAL D 225 -25.80 -36.29 1.05
C VAL D 225 -25.39 -37.33 0.00
N PHE D 226 -24.19 -37.19 -0.53
CA PHE D 226 -23.69 -38.11 -1.54
C PHE D 226 -22.90 -39.27 -0.93
N PRO D 227 -23.13 -40.50 -1.40
CA PRO D 227 -22.42 -41.68 -0.90
C PRO D 227 -20.93 -41.64 -1.26
N ILE D 228 -20.62 -41.02 -2.40
CA ILE D 228 -19.25 -40.87 -2.86
C ILE D 228 -18.91 -39.38 -2.87
N THR D 229 -17.97 -38.99 -2.02
CA THR D 229 -17.54 -37.61 -1.91
C THR D 229 -16.01 -37.63 -1.79
N ARG D 230 -15.33 -37.01 -2.76
CA ARG D 230 -13.87 -36.98 -2.77
C ARG D 230 -13.32 -35.61 -3.13
N VAL D 231 -12.39 -35.12 -2.32
CA VAL D 231 -11.77 -33.83 -2.56
C VAL D 231 -10.58 -33.99 -3.50
N TYR D 232 -10.47 -33.07 -4.46
CA TYR D 232 -9.33 -33.06 -5.37
C TYR D 232 -8.76 -31.65 -5.36
N LEU D 233 -7.45 -31.55 -5.62
CA LEU D 233 -6.76 -30.27 -5.57
C LEU D 233 -6.18 -29.83 -6.88
N GLY D 234 -6.05 -28.52 -7.04
CA GLY D 234 -5.48 -27.99 -8.26
C GLY D 234 -4.79 -26.67 -8.01
N PHE D 235 -3.81 -26.36 -8.84
CA PHE D 235 -3.09 -25.10 -8.72
C PHE D 235 -3.97 -24.02 -9.32
N MET D 236 -3.96 -22.85 -8.70
CA MET D 236 -4.73 -21.70 -9.16
C MET D 236 -3.83 -20.53 -8.79
N THR D 237 -2.98 -20.18 -9.74
CA THR D 237 -1.97 -19.14 -9.57
C THR D 237 -2.34 -17.73 -9.10
N THR D 238 -3.62 -17.37 -9.14
CA THR D 238 -4.03 -16.05 -8.66
C THR D 238 -5.13 -16.08 -7.60
N TYR D 239 -5.46 -17.26 -7.10
CA TYR D 239 -6.46 -17.37 -6.02
C TYR D 239 -5.69 -17.44 -4.70
N PRO D 240 -6.34 -17.07 -3.59
CA PRO D 240 -5.72 -17.08 -2.26
C PRO D 240 -5.00 -18.38 -1.91
N SER D 241 -3.70 -18.27 -1.68
CA SER D 241 -2.81 -19.39 -1.32
C SER D 241 -2.30 -20.20 -2.50
N GLY D 242 -3.00 -20.13 -3.63
CA GLY D 242 -2.61 -20.88 -4.80
C GLY D 242 -2.98 -22.36 -4.75
N MET D 243 -3.51 -22.80 -3.61
CA MET D 243 -3.92 -24.19 -3.43
C MET D 243 -5.44 -24.22 -3.40
N TRP D 244 -6.05 -24.64 -4.51
CA TRP D 244 -7.50 -24.67 -4.57
C TRP D 244 -8.06 -26.08 -4.47
N SER D 245 -9.19 -26.20 -3.79
CA SER D 245 -9.83 -27.49 -3.63
C SER D 245 -11.16 -27.52 -4.35
N TYR D 246 -11.54 -28.72 -4.75
CA TYR D 246 -12.79 -28.99 -5.44
C TYR D 246 -13.32 -30.28 -4.84
N THR D 247 -14.63 -30.40 -4.73
CA THR D 247 -15.20 -31.61 -4.18
C THR D 247 -16.06 -32.33 -5.21
N PHE D 248 -15.66 -33.56 -5.53
CA PHE D 248 -16.39 -34.38 -6.48
C PHE D 248 -17.37 -35.23 -5.67
N ALA D 249 -18.54 -35.48 -6.24
CA ALA D 249 -19.54 -36.30 -5.57
C ALA D 249 -20.37 -37.04 -6.60
N SER D 250 -20.89 -38.20 -6.22
CA SER D 250 -21.70 -38.99 -7.12
C SER D 250 -22.57 -39.96 -6.33
N LYS D 251 -23.37 -40.73 -7.06
CA LYS D 251 -24.25 -41.71 -6.46
C LYS D 251 -23.69 -43.12 -6.65
N GLY D 252 -22.42 -43.20 -7.06
CA GLY D 252 -21.78 -44.49 -7.26
C GLY D 252 -20.49 -44.47 -8.06
N ILE D 253 -20.38 -43.52 -8.98
CA ILE D 253 -19.18 -43.40 -9.82
C ILE D 253 -17.96 -42.98 -9.00
N ASP D 254 -16.92 -43.81 -9.03
CA ASP D 254 -15.68 -43.53 -8.31
C ASP D 254 -14.74 -42.73 -9.20
N PRO D 255 -14.20 -41.61 -8.69
CA PRO D 255 -13.27 -40.72 -9.38
C PRO D 255 -12.02 -41.38 -9.93
N ILE D 256 -11.55 -42.43 -9.27
CA ILE D 256 -10.35 -43.13 -9.69
C ILE D 256 -10.66 -44.48 -10.34
N LYS D 257 -11.45 -45.29 -9.65
CA LYS D 257 -11.82 -46.63 -10.16
C LYS D 257 -12.60 -46.62 -11.46
N ASP D 258 -13.47 -45.62 -11.64
CA ASP D 258 -14.29 -45.53 -12.84
C ASP D 258 -13.78 -44.52 -13.88
N PHE D 259 -12.52 -44.11 -13.74
CA PHE D 259 -11.92 -43.16 -14.68
C PHE D 259 -11.32 -43.88 -15.88
N ASP D 260 -11.66 -43.40 -17.07
CA ASP D 260 -11.15 -43.95 -18.32
C ASP D 260 -10.24 -42.93 -18.98
N PRO D 261 -8.91 -43.08 -18.82
CA PRO D 261 -7.92 -42.17 -19.39
C PRO D 261 -7.96 -42.05 -20.90
N GLU D 262 -8.47 -43.07 -21.59
CA GLU D 262 -8.56 -43.06 -23.04
C GLU D 262 -9.49 -41.96 -23.55
N LYS D 263 -10.54 -41.68 -22.79
CA LYS D 263 -11.50 -40.63 -23.15
C LYS D 263 -10.80 -39.28 -23.21
N VAL D 264 -9.84 -39.07 -22.31
CA VAL D 264 -9.08 -37.82 -22.25
C VAL D 264 -8.03 -37.77 -23.35
N ARG D 265 -7.36 -38.90 -23.60
CA ARG D 265 -6.33 -38.97 -24.65
C ARG D 265 -6.92 -38.74 -26.03
N LYS D 266 -8.14 -39.24 -26.24
CA LYS D 266 -8.82 -39.09 -27.52
C LYS D 266 -9.62 -37.80 -27.65
N PHE D 267 -9.60 -36.98 -26.60
CA PHE D 267 -10.33 -35.70 -26.60
C PHE D 267 -9.92 -34.83 -27.79
N ASN D 268 -10.91 -34.43 -28.58
CA ASN D 268 -10.67 -33.62 -29.77
C ASN D 268 -10.64 -32.11 -29.53
N LYS D 269 -10.50 -31.69 -28.28
CA LYS D 269 -10.48 -30.27 -27.95
C LYS D 269 -9.22 -29.87 -27.15
N GLU D 270 -8.96 -28.58 -27.10
CA GLU D 270 -7.81 -28.03 -26.40
C GLU D 270 -7.95 -28.06 -24.87
N LEU D 271 -6.88 -28.49 -24.21
CA LEU D 271 -6.81 -28.55 -22.75
C LEU D 271 -5.45 -27.97 -22.37
N LYS D 272 -5.47 -26.90 -21.58
CA LYS D 272 -4.24 -26.24 -21.18
C LYS D 272 -3.70 -26.67 -19.82
N TYR D 273 -4.51 -27.39 -19.05
CA TYR D 273 -4.12 -27.85 -17.72
C TYR D 273 -4.41 -29.34 -17.54
N TYR D 274 -5.70 -29.66 -17.59
CA TYR D 274 -6.18 -31.02 -17.39
C TYR D 274 -5.69 -32.08 -18.38
N ASN D 275 -5.36 -33.25 -17.83
CA ASN D 275 -4.93 -34.42 -18.59
C ASN D 275 -5.15 -35.66 -17.73
N GLU D 276 -4.95 -36.85 -18.29
CA GLU D 276 -5.18 -38.08 -17.56
C GLU D 276 -4.38 -38.28 -16.27
N GLU D 277 -3.10 -37.93 -16.28
CA GLU D 277 -2.28 -38.10 -15.07
C GLU D 277 -2.66 -37.08 -13.99
N VAL D 278 -3.01 -35.87 -14.41
CA VAL D 278 -3.40 -34.81 -13.47
C VAL D 278 -4.73 -35.16 -12.81
N HIS D 279 -5.63 -35.79 -13.56
CA HIS D 279 -6.92 -36.18 -13.02
C HIS D 279 -6.72 -37.08 -11.80
N VAL D 280 -5.92 -38.13 -11.97
CA VAL D 280 -5.64 -39.07 -10.90
C VAL D 280 -4.82 -38.45 -9.76
N ALA D 281 -3.80 -37.69 -10.13
CA ALA D 281 -2.93 -37.03 -9.16
C ALA D 281 -3.64 -36.00 -8.28
N SER D 282 -4.64 -35.33 -8.84
CA SER D 282 -5.37 -34.30 -8.10
C SER D 282 -6.08 -34.84 -6.85
N PHE D 283 -6.34 -36.15 -6.82
CA PHE D 283 -7.01 -36.76 -5.68
C PHE D 283 -6.09 -37.16 -4.53
N ALA D 284 -4.79 -37.02 -4.73
CA ALA D 284 -3.79 -37.34 -3.71
C ALA D 284 -3.70 -36.12 -2.79
N LEU D 285 -4.12 -36.29 -1.54
CA LEU D 285 -4.14 -35.19 -0.58
C LEU D 285 -2.96 -35.19 0.40
N PRO D 286 -2.35 -34.02 0.62
CA PRO D 286 -1.22 -33.92 1.55
C PRO D 286 -1.75 -34.25 2.95
N ASN D 287 -0.86 -34.68 3.85
CA ASN D 287 -1.27 -35.06 5.19
C ASN D 287 -2.10 -34.02 5.95
N PHE D 288 -1.72 -32.74 5.88
CA PHE D 288 -2.47 -31.73 6.60
C PHE D 288 -3.92 -31.59 6.14
N VAL D 289 -4.16 -31.84 4.86
CA VAL D 289 -5.50 -31.77 4.30
C VAL D 289 -6.31 -32.99 4.77
N LYS D 290 -5.69 -34.15 4.75
CA LYS D 290 -6.35 -35.38 5.21
C LYS D 290 -6.74 -35.26 6.67
N LYS D 291 -5.87 -34.66 7.47
CA LYS D 291 -6.13 -34.48 8.90
C LYS D 291 -7.31 -33.54 9.13
N GLU D 292 -7.41 -32.47 8.33
CA GLU D 292 -8.49 -31.51 8.45
C GLU D 292 -9.84 -32.12 8.06
N LEU D 293 -9.81 -33.13 7.19
CA LEU D 293 -11.02 -33.80 6.75
C LEU D 293 -11.37 -35.04 7.56
N GLY D 294 -10.53 -35.33 8.56
CA GLY D 294 -10.75 -36.50 9.40
C GLY D 294 -10.39 -37.80 8.73
N LEU D 295 -9.68 -37.71 7.61
CA LEU D 295 -9.25 -38.89 6.86
C LEU D 295 -7.90 -39.37 7.39
N MET D 296 -7.45 -38.75 8.48
CA MET D 296 -6.18 -39.08 9.11
C MET D 296 -6.14 -38.52 10.53
#